data_3C18
#
_entry.id   3C18
#
_cell.length_a   66.740
_cell.length_b   66.740
_cell.length_c   456.200
_cell.angle_alpha   90.000
_cell.angle_beta   90.000
_cell.angle_gamma   120.000
#
_symmetry.space_group_name_H-M   'P 31 2 1'
#
loop_
_entity.id
_entity.type
_entity.pdbx_description
1 polymer 'Nucleotidyltransferase-like protein'
2 non-polymer GLYCEROL
3 non-polymer 'CHLORIDE ION'
4 water water
#
_entity_poly.entity_id   1
_entity_poly.type   'polypeptide(L)'
_entity_poly.pdbx_seq_one_letter_code
;G(MSE)EQATRTIYSEYAAYPETQGIIAVEKRQPRDSLTDQFDVLLLVITRDPSVEWTVKHYRLNTLRVSLHLVHEQVLS
RWLILNANRRAVHWVSEGTIIFERNDYLTDLKKQLRNFPETERCLQ(MSE)SLSFAKLLRRFQDGRNLFSRGNYYDAYTH
VHHALHHLARLSVLEKGAHPEVVVWEQARLDDPDVYKLYEQLLLSEETLEQRIHLALIGLEHLLQSKVLSGGKYLFEV
(MSE)RERDRPWT(MSE)HEL(MSE)EESRLTELKVDLGSLVDFFIRKGLIRISYQRTKGLGVELVTYEPVV
;
_entity_poly.pdbx_strand_id   A,B,C
#
loop_
_chem_comp.id
_chem_comp.type
_chem_comp.name
_chem_comp.formula
CL non-polymer 'CHLORIDE ION' 'Cl -1'
GOL non-polymer GLYCEROL 'C3 H8 O3'
#
# COMPACT_ATOMS: atom_id res chain seq x y z
N GLY A 1 -48.84 -13.01 -19.76
CA GLY A 1 -47.62 -13.85 -19.52
C GLY A 1 -47.21 -13.74 -18.08
N MSE A 2 -46.04 -13.15 -17.86
CA MSE A 2 -45.61 -12.81 -16.49
C MSE A 2 -46.47 -11.63 -16.06
O MSE A 2 -46.80 -11.47 -14.90
CB MSE A 2 -44.12 -12.47 -16.40
CG MSE A 2 -43.23 -13.70 -16.36
SE MSE A 2 -41.34 -13.30 -16.09
CE MSE A 2 -41.06 -12.21 -17.67
N GLU A 3 -46.84 -10.85 -17.05
CA GLU A 3 -47.71 -9.70 -16.81
C GLU A 3 -49.03 -10.20 -16.26
N GLN A 4 -49.60 -11.15 -16.98
CA GLN A 4 -50.89 -11.70 -16.64
C GLN A 4 -50.78 -12.45 -15.33
N ALA A 5 -49.67 -13.14 -15.13
CA ALA A 5 -49.49 -14.03 -13.96
C ALA A 5 -49.18 -13.28 -12.67
N THR A 6 -48.80 -12.01 -12.80
CA THR A 6 -48.43 -11.18 -11.62
C THR A 6 -49.29 -9.93 -11.46
N ARG A 7 -50.31 -9.84 -12.31
CA ARG A 7 -51.13 -8.63 -12.37
C ARG A 7 -51.70 -8.23 -11.02
N THR A 8 -52.09 -9.23 -10.26
CA THR A 8 -52.73 -9.02 -8.96
CA THR A 8 -52.75 -9.00 -8.97
C THR A 8 -51.74 -8.43 -7.97
N ILE A 9 -50.47 -8.62 -8.28
CA ILE A 9 -49.40 -8.12 -7.41
C ILE A 9 -48.90 -6.75 -7.85
N TYR A 10 -48.65 -6.56 -9.14
CA TYR A 10 -47.98 -5.33 -9.58
C TYR A 10 -48.93 -4.18 -9.82
N SER A 11 -50.20 -4.52 -10.01
CA SER A 11 -51.17 -3.49 -10.47
C SER A 11 -51.22 -2.27 -9.56
N GLU A 12 -51.14 -2.51 -8.27
CA GLU A 12 -51.29 -1.41 -7.30
C GLU A 12 -50.06 -0.46 -7.40
N TYR A 13 -48.95 -1.04 -7.87
CA TYR A 13 -47.69 -0.30 -8.04
C TYR A 13 -47.74 0.59 -9.26
N ALA A 14 -48.27 0.04 -10.34
CA ALA A 14 -48.43 0.79 -11.57
C ALA A 14 -49.35 1.96 -11.32
N ALA A 15 -50.23 1.81 -10.35
CA ALA A 15 -51.25 2.85 -10.05
C ALA A 15 -50.63 4.01 -9.28
N TYR A 16 -49.65 3.72 -8.46
CA TYR A 16 -48.97 4.75 -7.65
C TYR A 16 -48.19 5.61 -8.65
N PRO A 17 -48.48 6.90 -8.65
CA PRO A 17 -47.93 7.80 -9.65
C PRO A 17 -46.42 7.91 -9.70
N GLU A 18 -45.74 7.53 -8.63
CA GLU A 18 -44.28 7.72 -8.48
C GLU A 18 -43.51 6.60 -9.10
N THR A 19 -44.26 5.58 -9.46
CA THR A 19 -43.68 4.39 -10.07
C THR A 19 -43.26 4.72 -11.50
N GLN A 20 -41.98 4.45 -11.83
CA GLN A 20 -41.41 4.79 -13.15
C GLN A 20 -41.34 3.58 -14.06
N GLY A 21 -41.26 2.42 -13.46
CA GLY A 21 -41.14 1.19 -14.24
C GLY A 21 -41.26 -0.08 -13.45
N ILE A 22 -41.69 -1.10 -14.16
CA ILE A 22 -41.81 -2.44 -13.62
C ILE A 22 -41.31 -3.43 -14.63
N ILE A 23 -40.35 -4.22 -14.18
CA ILE A 23 -39.67 -5.21 -14.99
C ILE A 23 -39.91 -6.58 -14.39
N ALA A 24 -40.12 -7.57 -15.27
CA ALA A 24 -40.28 -8.95 -14.84
C ALA A 24 -39.16 -9.85 -15.42
N VAL A 25 -38.60 -10.68 -14.56
CA VAL A 25 -37.55 -11.61 -14.90
C VAL A 25 -37.92 -13.00 -14.41
N GLU A 26 -37.91 -13.94 -15.35
CA GLU A 26 -38.25 -15.33 -15.06
C GLU A 26 -37.01 -16.12 -14.73
N LYS A 27 -37.17 -17.06 -13.82
CA LYS A 27 -36.08 -17.96 -13.48
C LYS A 27 -35.63 -18.74 -14.71
N ARG A 28 -34.33 -19.02 -14.75
CA ARG A 28 -33.72 -19.70 -15.91
C ARG A 28 -33.49 -21.16 -15.61
N GLN A 29 -33.65 -21.47 -14.34
CA GLN A 29 -33.37 -22.78 -13.82
C GLN A 29 -33.94 -22.87 -12.43
N PRO A 30 -34.02 -24.08 -11.89
CA PRO A 30 -34.46 -24.13 -10.50
C PRO A 30 -33.44 -23.48 -9.58
N ARG A 31 -33.97 -22.89 -8.52
CA ARG A 31 -33.17 -22.21 -7.51
C ARG A 31 -32.18 -21.24 -8.17
N ASP A 32 -32.72 -20.40 -9.04
CA ASP A 32 -31.96 -19.37 -9.74
C ASP A 32 -31.70 -18.21 -8.79
N SER A 33 -30.43 -17.92 -8.59
CA SER A 33 -30.02 -16.80 -7.72
C SER A 33 -30.47 -15.48 -8.32
N LEU A 34 -30.65 -15.48 -9.64
CA LEU A 34 -31.06 -14.28 -10.37
C LEU A 34 -32.42 -13.77 -9.93
N THR A 35 -33.23 -14.71 -9.46
CA THR A 35 -34.62 -14.41 -9.10
C THR A 35 -34.90 -14.79 -7.66
N ASP A 36 -33.85 -14.75 -6.86
CA ASP A 36 -33.94 -14.99 -5.43
C ASP A 36 -34.46 -16.36 -5.07
N GLN A 37 -34.24 -17.31 -5.96
CA GLN A 37 -34.66 -18.74 -5.74
C GLN A 37 -36.18 -18.86 -5.80
N PHE A 38 -36.76 -17.83 -6.41
CA PHE A 38 -38.20 -17.76 -6.72
C PHE A 38 -38.41 -17.94 -8.21
N ASP A 39 -39.66 -17.82 -8.63
CA ASP A 39 -40.09 -18.14 -10.01
C ASP A 39 -40.05 -16.92 -10.91
N VAL A 40 -40.41 -15.79 -10.32
CA VAL A 40 -40.42 -14.52 -11.04
C VAL A 40 -39.94 -13.44 -10.11
N LEU A 41 -39.08 -12.58 -10.63
CA LEU A 41 -38.61 -11.42 -9.87
C LEU A 41 -39.18 -10.19 -10.54
N LEU A 42 -39.82 -9.37 -9.74
CA LEU A 42 -40.35 -8.11 -10.23
C LEU A 42 -39.50 -7.00 -9.68
N LEU A 43 -39.11 -6.10 -10.55
CA LEU A 43 -38.33 -4.93 -10.18
C LEU A 43 -39.14 -3.71 -10.43
N VAL A 44 -39.47 -3.04 -9.33
CA VAL A 44 -40.29 -1.83 -9.36
C VAL A 44 -39.41 -0.64 -9.08
N ILE A 45 -39.30 0.27 -10.05
CA ILE A 45 -38.55 1.52 -9.87
C ILE A 45 -39.50 2.65 -9.56
N THR A 46 -39.18 3.35 -8.49
CA THR A 46 -40.06 4.32 -7.90
C THR A 46 -39.34 5.57 -7.38
N ARG A 47 -40.08 6.67 -7.33
CA ARG A 47 -39.61 7.93 -6.76
C ARG A 47 -40.25 8.15 -5.43
N ASP A 48 -40.93 7.12 -4.94
CA ASP A 48 -41.44 7.16 -3.57
C ASP A 48 -40.29 7.60 -2.66
N PRO A 49 -40.44 8.77 -2.01
CA PRO A 49 -39.41 9.36 -1.18
C PRO A 49 -39.12 8.58 0.08
N SER A 50 -39.96 7.61 0.40
CA SER A 50 -39.73 6.82 1.61
C SER A 50 -38.87 5.63 1.29
N VAL A 51 -38.62 5.44 0.00
CA VAL A 51 -37.93 4.23 -0.47
C VAL A 51 -36.46 4.41 -0.84
N GLU A 52 -35.65 3.49 -0.35
CA GLU A 52 -34.28 3.37 -0.77
C GLU A 52 -34.23 2.08 -1.62
N TRP A 53 -34.19 0.95 -0.91
CA TRP A 53 -34.37 -0.35 -1.56
C TRP A 53 -34.94 -1.35 -0.55
N THR A 54 -35.97 -2.05 -0.98
CA THR A 54 -36.60 -3.09 -0.11
C THR A 54 -37.10 -4.24 -0.94
N VAL A 55 -37.48 -5.29 -0.22
CA VAL A 55 -37.94 -6.56 -0.86
C VAL A 55 -39.19 -7.10 -0.16
N LYS A 56 -40.05 -7.66 -0.98
CA LYS A 56 -41.30 -8.30 -0.55
C LYS A 56 -41.40 -9.65 -1.26
N HIS A 57 -41.91 -10.65 -0.57
CA HIS A 57 -42.07 -12.03 -1.09
C HIS A 57 -43.51 -12.50 -1.05
N TYR A 58 -43.98 -12.98 -2.19
CA TYR A 58 -45.33 -13.43 -2.41
C TYR A 58 -45.43 -14.81 -3.05
N ARG A 59 -46.57 -15.45 -2.81
CA ARG A 59 -46.98 -16.61 -3.64
C ARG A 59 -48.38 -16.33 -4.17
N LEU A 60 -48.52 -16.42 -5.47
CA LEU A 60 -49.80 -16.21 -6.10
C LEU A 60 -50.14 -17.47 -6.85
N ASN A 61 -51.06 -18.19 -6.21
CA ASN A 61 -51.45 -19.50 -6.64
C ASN A 61 -50.28 -20.40 -6.39
N THR A 62 -49.56 -20.69 -7.45
CA THR A 62 -48.43 -21.60 -7.34
C THR A 62 -47.11 -20.86 -7.56
N LEU A 63 -47.25 -19.63 -8.04
CA LEU A 63 -46.11 -18.81 -8.50
C LEU A 63 -45.53 -17.95 -7.40
N ARG A 64 -44.26 -18.22 -7.10
CA ARG A 64 -43.52 -17.47 -6.08
C ARG A 64 -42.82 -16.30 -6.72
N VAL A 65 -43.09 -15.14 -6.15
CA VAL A 65 -42.65 -13.86 -6.70
C VAL A 65 -41.89 -13.05 -5.67
N SER A 66 -40.67 -12.68 -6.05
CA SER A 66 -39.88 -11.70 -5.29
C SER A 66 -40.04 -10.31 -5.90
N LEU A 67 -40.35 -9.34 -5.06
CA LEU A 67 -40.46 -7.99 -5.50
C LEU A 67 -39.38 -7.09 -4.89
N HIS A 68 -38.54 -6.56 -5.79
CA HIS A 68 -37.54 -5.55 -5.45
C HIS A 68 -38.06 -4.15 -5.76
N LEU A 69 -38.18 -3.36 -4.71
CA LEU A 69 -38.63 -1.98 -4.76
C LEU A 69 -37.40 -1.11 -4.55
N VAL A 70 -37.03 -0.36 -5.58
CA VAL A 70 -35.82 0.47 -5.55
CA VAL A 70 -35.82 0.48 -5.52
C VAL A 70 -36.08 1.88 -6.00
N HIS A 71 -35.49 2.83 -5.31
CA HIS A 71 -35.63 4.25 -5.72
C HIS A 71 -34.80 4.50 -6.97
N GLU A 72 -35.34 5.30 -7.86
CA GLU A 72 -34.71 5.62 -9.13
C GLU A 72 -33.28 6.12 -9.00
N GLN A 73 -32.98 6.75 -7.87
CA GLN A 73 -31.68 7.39 -7.63
C GLN A 73 -30.72 6.39 -7.07
N VAL A 74 -31.26 5.40 -6.40
CA VAL A 74 -30.45 4.31 -5.88
C VAL A 74 -30.00 3.39 -7.03
N LEU A 75 -30.92 3.13 -7.95
CA LEU A 75 -30.64 2.29 -9.09
C LEU A 75 -29.62 2.99 -9.99
N SER A 76 -29.83 4.27 -10.15
CA SER A 76 -29.02 5.10 -11.06
C SER A 76 -27.58 5.00 -10.62
N ARG A 77 -27.39 5.24 -9.35
CA ARG A 77 -26.09 5.13 -8.72
C ARG A 77 -25.47 3.76 -8.87
N TRP A 78 -26.25 2.70 -8.72
CA TRP A 78 -25.73 1.35 -8.88
C TRP A 78 -25.18 1.19 -10.27
N LEU A 79 -25.90 1.78 -11.22
CA LEU A 79 -25.57 1.58 -12.63
C LEU A 79 -24.36 2.44 -12.97
N ILE A 80 -24.28 3.61 -12.33
CA ILE A 80 -23.19 4.56 -12.59
C ILE A 80 -21.86 3.98 -12.12
N LEU A 81 -21.95 3.26 -11.01
CA LEU A 81 -20.77 2.73 -10.33
C LEU A 81 -20.51 1.27 -10.70
N ASN A 82 -21.45 0.69 -11.44
CA ASN A 82 -21.36 -0.74 -11.78
C ASN A 82 -21.29 -1.58 -10.53
N ALA A 83 -22.14 -1.22 -9.56
CA ALA A 83 -22.13 -1.80 -8.22
C ALA A 83 -23.11 -2.94 -8.02
N ASN A 84 -23.85 -3.29 -9.06
CA ASN A 84 -24.90 -4.34 -8.94
C ASN A 84 -25.17 -5.04 -10.25
N ARG A 85 -24.42 -6.10 -10.49
CA ARG A 85 -24.45 -6.81 -11.75
C ARG A 85 -25.80 -7.42 -12.04
N ARG A 86 -26.47 -7.88 -11.01
CA ARG A 86 -27.82 -8.47 -11.18
C ARG A 86 -28.76 -7.46 -11.73
N ALA A 87 -28.69 -6.26 -11.20
CA ALA A 87 -29.61 -5.19 -11.62
C ALA A 87 -29.43 -4.86 -13.08
N VAL A 88 -28.17 -4.88 -13.53
CA VAL A 88 -27.89 -4.60 -14.95
C VAL A 88 -28.62 -5.64 -15.78
N HIS A 89 -28.52 -6.88 -15.32
CA HIS A 89 -29.12 -8.04 -15.99
C HIS A 89 -30.62 -7.91 -16.01
N TRP A 90 -31.17 -7.48 -14.88
CA TRP A 90 -32.61 -7.36 -14.75
C TRP A 90 -33.15 -6.35 -15.76
N VAL A 91 -32.51 -5.21 -15.81
CA VAL A 91 -33.02 -4.11 -16.63
C VAL A 91 -32.83 -4.47 -18.09
N SER A 92 -31.74 -5.18 -18.39
CA SER A 92 -31.42 -5.42 -19.79
C SER A 92 -32.16 -6.62 -20.39
N GLU A 93 -32.25 -7.71 -19.64
CA GLU A 93 -32.91 -8.90 -20.15
C GLU A 93 -34.37 -8.94 -19.73
N GLY A 94 -34.73 -8.10 -18.78
CA GLY A 94 -36.07 -8.13 -18.19
C GLY A 94 -37.14 -7.66 -19.14
N THR A 95 -38.34 -8.16 -18.91
CA THR A 95 -39.54 -7.74 -19.67
C THR A 95 -40.24 -6.58 -19.03
N ILE A 96 -40.47 -5.54 -19.82
CA ILE A 96 -41.11 -4.30 -19.33
C ILE A 96 -42.61 -4.53 -19.18
N ILE A 97 -43.07 -4.48 -17.93
CA ILE A 97 -44.48 -4.72 -17.59
C ILE A 97 -45.21 -3.41 -17.61
N PHE A 98 -44.50 -2.36 -17.24
CA PHE A 98 -45.11 -1.04 -17.10
C PHE A 98 -44.06 0.02 -16.99
N GLU A 99 -44.35 1.18 -17.55
CA GLU A 99 -43.45 2.32 -17.39
C GLU A 99 -44.11 3.64 -17.65
N ARG A 100 -43.53 4.66 -17.03
CA ARG A 100 -43.92 6.02 -17.27
C ARG A 100 -42.76 6.77 -17.87
N ASN A 101 -43.07 7.62 -18.84
CA ASN A 101 -42.07 8.52 -19.42
C ASN A 101 -40.94 7.77 -20.12
N ASP A 102 -41.30 6.60 -20.64
CA ASP A 102 -40.36 5.76 -21.39
C ASP A 102 -39.10 5.47 -20.56
N TYR A 103 -39.27 5.58 -19.25
CA TYR A 103 -38.14 5.40 -18.34
C TYR A 103 -37.33 4.12 -18.61
N LEU A 104 -38.03 3.01 -18.75
CA LEU A 104 -37.35 1.70 -18.89
C LEU A 104 -36.87 1.47 -20.32
N THR A 105 -37.60 2.00 -21.28
CA THR A 105 -37.22 1.83 -22.70
C THR A 105 -35.91 2.58 -22.95
N ASP A 106 -35.82 3.76 -22.37
CA ASP A 106 -34.64 4.60 -22.52
C ASP A 106 -33.48 4.00 -21.75
N LEU A 107 -33.79 3.42 -20.60
CA LEU A 107 -32.76 2.86 -19.70
C LEU A 107 -32.05 1.69 -20.38
N LYS A 108 -32.83 0.87 -21.07
CA LYS A 108 -32.32 -0.30 -21.79
C LYS A 108 -31.30 0.11 -22.86
N LYS A 109 -31.60 1.25 -23.49
CA LYS A 109 -30.74 1.84 -24.54
C LYS A 109 -29.47 2.39 -23.94
N GLN A 110 -29.64 3.12 -22.86
CA GLN A 110 -28.52 3.79 -22.18
C GLN A 110 -27.52 2.75 -21.74
N LEU A 111 -28.03 1.57 -21.42
CA LEU A 111 -27.20 0.49 -20.85
C LEU A 111 -26.23 -0.05 -21.89
N ARG A 112 -26.49 0.29 -23.14
CA ARG A 112 -25.65 -0.22 -24.25
C ARG A 112 -24.45 0.69 -24.41
N ASN A 113 -24.46 1.77 -23.65
CA ASN A 113 -23.40 2.76 -23.67
CA ASN A 113 -23.37 2.73 -23.67
C ASN A 113 -22.70 2.81 -22.33
N PHE A 114 -21.40 3.11 -22.36
CA PHE A 114 -20.56 3.27 -21.17
C PHE A 114 -20.02 4.70 -21.15
N PRO A 115 -20.79 5.64 -20.61
CA PRO A 115 -20.33 7.00 -20.54
C PRO A 115 -18.92 7.16 -19.97
N GLU A 116 -18.19 8.05 -20.63
CA GLU A 116 -16.80 8.30 -20.33
C GLU A 116 -16.64 8.73 -18.89
N THR A 117 -17.52 9.59 -18.41
CA THR A 117 -17.39 10.10 -17.03
CA THR A 117 -17.37 10.10 -17.04
C THR A 117 -17.54 8.98 -16.01
N GLU A 118 -18.45 8.05 -16.31
CA GLU A 118 -18.72 6.92 -15.40
C GLU A 118 -17.55 5.94 -15.45
N ARG A 119 -17.00 5.73 -16.62
CA ARG A 119 -15.88 4.82 -16.75
C ARG A 119 -14.69 5.32 -15.98
N CYS A 120 -14.46 6.62 -16.07
CA CYS A 120 -13.28 7.25 -15.44
C CYS A 120 -13.41 7.23 -13.95
N LEU A 121 -14.63 7.39 -13.46
CA LEU A 121 -14.88 7.35 -12.01
C LEU A 121 -14.62 5.94 -11.49
N GLN A 122 -15.09 4.97 -12.25
CA GLN A 122 -14.87 3.55 -11.91
C GLN A 122 -13.37 3.20 -11.89
N MSE A 123 -12.62 3.83 -12.78
CA MSE A 123 -11.19 3.57 -12.89
C MSE A 123 -10.49 4.15 -11.69
O MSE A 123 -9.62 3.53 -11.14
CB MSE A 123 -10.58 4.10 -14.20
CG MSE A 123 -10.96 3.30 -15.40
SE MSE A 123 -9.86 3.69 -16.95
CE MSE A 123 -10.44 5.50 -17.29
N SER A 124 -10.94 5.30 -11.22
CA SER A 124 -10.33 5.90 -10.01
C SER A 124 -10.64 5.08 -8.78
N LEU A 125 -11.86 4.54 -8.71
CA LEU A 125 -12.26 3.70 -7.59
C LEU A 125 -11.50 2.38 -7.56
N SER A 126 -11.23 1.82 -8.74
CA SER A 126 -10.48 0.57 -8.83
CA SER A 126 -10.47 0.57 -8.79
C SER A 126 -9.01 0.79 -8.48
N PHE A 127 -8.49 1.87 -9.02
CA PHE A 127 -7.11 2.24 -8.79
C PHE A 127 -6.91 2.56 -7.30
N ALA A 128 -7.90 3.19 -6.69
CA ALA A 128 -7.80 3.52 -5.24
C ALA A 128 -7.64 2.24 -4.40
N LYS A 129 -8.39 1.23 -4.78
CA LYS A 129 -8.39 -0.03 -4.00
C LYS A 129 -7.13 -0.83 -4.27
N LEU A 130 -6.69 -0.77 -5.52
CA LEU A 130 -5.43 -1.46 -5.90
C LEU A 130 -4.28 -0.90 -5.05
N LEU A 131 -4.31 0.41 -4.89
CA LEU A 131 -3.23 1.15 -4.24
C LEU A 131 -3.19 0.82 -2.77
N ARG A 132 -4.38 0.73 -2.18
CA ARG A 132 -4.50 0.42 -0.75
C ARG A 132 -4.13 -1.01 -0.45
N ARG A 133 -4.54 -1.92 -1.31
CA ARG A 133 -4.20 -3.35 -1.12
C ARG A 133 -2.70 -3.57 -1.31
N PHE A 134 -2.13 -2.87 -2.26
CA PHE A 134 -0.68 -2.94 -2.53
C PHE A 134 0.12 -2.44 -1.31
N GLN A 135 -0.31 -1.32 -0.78
CA GLN A 135 0.40 -0.74 0.38
C GLN A 135 0.33 -1.64 1.59
N ASP A 136 -0.80 -2.29 1.78
CA ASP A 136 -0.98 -3.13 2.97
C ASP A 136 -0.13 -4.35 2.78
N GLY A 137 -0.15 -4.84 1.55
CA GLY A 137 0.60 -6.02 1.17
C GLY A 137 2.09 -5.84 1.38
N ARG A 138 2.55 -4.66 1.06
CA ARG A 138 3.97 -4.32 1.16
C ARG A 138 4.35 -4.19 2.62
N ASN A 139 3.48 -3.55 3.36
CA ASN A 139 3.70 -3.35 4.78
C ASN A 139 3.73 -4.69 5.50
N LEU A 140 2.76 -5.56 5.20
CA LEU A 140 2.67 -6.86 5.88
C LEU A 140 3.85 -7.72 5.53
N PHE A 141 4.27 -7.64 4.30
CA PHE A 141 5.50 -8.35 3.90
C PHE A 141 6.71 -7.83 4.71
N SER A 142 6.76 -6.52 4.93
CA SER A 142 7.92 -5.92 5.62
C SER A 142 8.00 -6.42 7.06
N ARG A 143 6.85 -6.78 7.58
CA ARG A 143 6.71 -7.16 9.00
C ARG A 143 6.78 -8.66 9.18
N GLY A 144 6.99 -9.37 8.08
CA GLY A 144 7.12 -10.83 8.15
C GLY A 144 5.80 -11.58 8.24
N ASN A 145 4.71 -10.86 8.02
CA ASN A 145 3.35 -11.49 8.02
C ASN A 145 2.95 -11.94 6.63
N TYR A 146 3.48 -13.07 6.20
CA TYR A 146 3.42 -13.49 4.79
C TYR A 146 2.04 -13.98 4.36
N TYR A 147 1.35 -14.70 5.22
CA TYR A 147 0.02 -15.25 4.84
C TYR A 147 -0.96 -14.13 4.65
N ASP A 148 -0.81 -13.12 5.47
CA ASP A 148 -1.65 -11.92 5.43
C ASP A 148 -1.29 -11.00 4.26
N ALA A 149 -0.01 -10.93 3.96
CA ALA A 149 0.45 -10.11 2.83
C ALA A 149 -0.06 -10.70 1.54
N TYR A 150 -0.01 -12.02 1.48
CA TYR A 150 -0.53 -12.76 0.31
C TYR A 150 -1.96 -12.39 0.06
N THR A 151 -2.71 -12.27 1.14
CA THR A 151 -4.12 -11.93 1.03
C THR A 151 -4.30 -10.59 0.32
N HIS A 152 -3.53 -9.59 0.74
CA HIS A 152 -3.65 -8.24 0.16
C HIS A 152 -3.08 -8.16 -1.24
N VAL A 153 -1.99 -8.88 -1.46
CA VAL A 153 -1.37 -8.87 -2.77
C VAL A 153 -2.34 -9.45 -3.79
N HIS A 154 -3.02 -10.50 -3.37
CA HIS A 154 -3.98 -11.21 -4.25
C HIS A 154 -5.13 -10.28 -4.58
N HIS A 155 -5.62 -9.59 -3.58
CA HIS A 155 -6.73 -8.66 -3.77
CA HIS A 155 -6.75 -8.67 -3.77
C HIS A 155 -6.30 -7.53 -4.69
N ALA A 156 -5.09 -7.04 -4.48
CA ALA A 156 -4.58 -5.94 -5.32
C ALA A 156 -4.56 -6.39 -6.75
N LEU A 157 -4.14 -7.61 -6.95
CA LEU A 157 -4.07 -8.15 -8.34
C LEU A 157 -5.45 -8.21 -8.98
N HIS A 158 -6.43 -8.51 -8.16
CA HIS A 158 -7.83 -8.59 -8.62
C HIS A 158 -8.30 -7.18 -9.01
N HIS A 159 -7.97 -6.18 -8.22
CA HIS A 159 -8.34 -4.80 -8.58
C HIS A 159 -7.66 -4.34 -9.85
N LEU A 160 -6.45 -4.83 -10.06
CA LEU A 160 -5.63 -4.46 -11.23
C LEU A 160 -6.22 -5.04 -12.52
N ALA A 161 -6.78 -6.23 -12.40
CA ALA A 161 -7.46 -6.91 -13.51
C ALA A 161 -8.73 -6.15 -13.89
N ARG A 162 -9.47 -5.68 -12.88
CA ARG A 162 -10.72 -4.93 -13.10
C ARG A 162 -10.40 -3.57 -13.76
N LEU A 163 -9.35 -2.94 -13.28
CA LEU A 163 -8.88 -1.65 -13.84
C LEU A 163 -8.45 -1.81 -15.26
N SER A 164 -7.74 -2.89 -15.51
CA SER A 164 -7.23 -3.18 -16.85
CA SER A 164 -7.22 -3.16 -16.86
C SER A 164 -8.37 -3.38 -17.83
N VAL A 165 -9.45 -3.96 -17.35
CA VAL A 165 -10.64 -4.21 -18.15
C VAL A 165 -11.33 -2.86 -18.45
N LEU A 166 -11.52 -2.06 -17.42
CA LEU A 166 -12.10 -0.71 -17.58
C LEU A 166 -11.28 0.10 -18.60
N GLU A 167 -9.97 -0.06 -18.55
CA GLU A 167 -9.09 0.75 -19.39
C GLU A 167 -9.40 0.51 -20.84
N LYS A 168 -9.88 -0.68 -21.15
CA LYS A 168 -10.09 -1.10 -22.53
C LYS A 168 -11.53 -0.82 -22.91
N GLY A 169 -12.26 -0.24 -21.96
CA GLY A 169 -13.60 0.28 -22.21
C GLY A 169 -14.75 -0.65 -21.92
N ALA A 170 -14.47 -1.72 -21.20
CA ALA A 170 -15.51 -2.67 -20.81
C ALA A 170 -15.82 -2.68 -19.34
N HIS A 171 -17.04 -3.09 -19.03
CA HIS A 171 -17.45 -3.27 -17.64
C HIS A 171 -16.83 -4.57 -17.13
N PRO A 172 -16.19 -4.50 -15.97
CA PRO A 172 -15.68 -5.74 -15.42
C PRO A 172 -16.83 -6.65 -15.00
N GLU A 173 -16.61 -7.93 -15.22
CA GLU A 173 -17.59 -8.97 -14.87
C GLU A 173 -17.08 -9.87 -13.76
N VAL A 174 -17.86 -10.90 -13.46
CA VAL A 174 -17.49 -11.87 -12.41
C VAL A 174 -16.28 -12.68 -12.87
N VAL A 175 -16.17 -12.87 -14.17
CA VAL A 175 -15.07 -13.64 -14.74
C VAL A 175 -14.01 -12.70 -15.29
N VAL A 176 -13.54 -11.86 -14.40
CA VAL A 176 -12.59 -10.81 -14.78
C VAL A 176 -11.25 -11.32 -15.32
N TRP A 177 -10.75 -12.43 -14.80
CA TRP A 177 -9.44 -12.97 -15.28
C TRP A 177 -9.51 -13.43 -16.72
N GLU A 178 -10.70 -13.88 -17.10
CA GLU A 178 -10.95 -14.30 -18.49
C GLU A 178 -10.87 -13.07 -19.38
N GLN A 179 -11.57 -12.03 -18.95
CA GLN A 179 -11.59 -10.75 -19.66
C GLN A 179 -10.18 -10.22 -19.78
N ALA A 180 -9.40 -10.37 -18.72
CA ALA A 180 -8.06 -9.75 -18.61
C ALA A 180 -7.03 -10.52 -19.41
N ARG A 181 -7.35 -11.76 -19.74
CA ARG A 181 -6.38 -12.63 -20.46
CA ARG A 181 -6.39 -12.62 -20.45
C ARG A 181 -5.98 -11.98 -21.77
N LEU A 182 -6.90 -11.25 -22.34
CA LEU A 182 -6.65 -10.56 -23.60
C LEU A 182 -6.62 -9.03 -23.43
N ASP A 183 -7.42 -8.51 -22.52
CA ASP A 183 -7.49 -7.05 -22.28
C ASP A 183 -6.20 -6.49 -21.70
N ASP A 184 -5.45 -7.35 -21.02
CA ASP A 184 -4.14 -6.99 -20.45
C ASP A 184 -3.31 -8.22 -20.03
N PRO A 185 -2.65 -8.83 -21.01
CA PRO A 185 -1.86 -10.06 -20.77
C PRO A 185 -0.76 -9.90 -19.73
N ASP A 186 -0.23 -8.70 -19.60
CA ASP A 186 0.82 -8.47 -18.62
C ASP A 186 0.26 -8.62 -17.19
N VAL A 187 -0.97 -8.19 -16.99
CA VAL A 187 -1.59 -8.31 -15.65
C VAL A 187 -1.94 -9.76 -15.39
N TYR A 188 -2.47 -10.39 -16.43
CA TYR A 188 -2.85 -11.78 -16.34
C TYR A 188 -1.65 -12.65 -16.01
N LYS A 189 -0.50 -12.33 -16.62
CA LYS A 189 0.71 -13.13 -16.45
C LYS A 189 1.28 -12.96 -15.06
N LEU A 190 1.17 -11.77 -14.51
CA LEU A 190 1.65 -11.50 -13.14
C LEU A 190 0.84 -12.35 -12.14
N TYR A 191 -0.44 -12.52 -12.41
CA TYR A 191 -1.33 -13.31 -11.50
C TYR A 191 -1.02 -14.78 -11.59
N GLU A 192 -0.77 -15.20 -12.82
CA GLU A 192 -0.51 -16.60 -13.16
C GLU A 192 0.78 -17.03 -12.48
N GLN A 193 1.77 -16.16 -12.53
CA GLN A 193 3.07 -16.40 -11.89
C GLN A 193 2.89 -16.61 -10.41
N LEU A 194 1.97 -15.87 -9.82
CA LEU A 194 1.74 -15.93 -8.36
C LEU A 194 1.06 -17.25 -8.05
N LEU A 195 0.09 -17.64 -8.87
CA LEU A 195 -0.68 -18.83 -8.56
C LEU A 195 0.13 -20.07 -8.79
N LEU A 196 0.76 -20.11 -9.93
CA LEU A 196 1.44 -21.35 -10.38
C LEU A 196 2.87 -21.35 -9.97
N SER A 197 3.19 -20.47 -9.04
CA SER A 197 4.56 -20.29 -8.59
C SER A 197 5.02 -21.53 -7.87
N GLU A 198 6.30 -21.82 -8.03
CA GLU A 198 6.95 -22.89 -7.29
C GLU A 198 8.03 -22.29 -6.40
N GLU A 199 8.04 -20.97 -6.30
CA GLU A 199 8.99 -20.29 -5.41
C GLU A 199 8.47 -20.44 -3.99
N THR A 200 9.24 -19.94 -3.03
CA THR A 200 8.82 -19.93 -1.63
C THR A 200 7.69 -18.92 -1.51
N LEU A 201 6.96 -19.00 -0.41
CA LEU A 201 5.87 -18.06 -0.16
C LEU A 201 6.42 -16.64 -0.24
N GLU A 202 7.53 -16.43 0.45
CA GLU A 202 8.13 -15.10 0.55
C GLU A 202 8.50 -14.59 -0.83
N GLN A 203 9.16 -15.45 -1.59
CA GLN A 203 9.65 -15.04 -2.88
C GLN A 203 8.50 -14.72 -3.82
N ARG A 204 7.47 -15.56 -3.82
CA ARG A 204 6.37 -15.33 -4.79
C ARG A 204 5.64 -14.01 -4.47
N ILE A 205 5.50 -13.73 -3.18
CA ILE A 205 4.86 -12.48 -2.76
C ILE A 205 5.72 -11.29 -3.15
N HIS A 206 7.01 -11.45 -2.97
CA HIS A 206 7.95 -10.36 -3.26
C HIS A 206 7.96 -10.03 -4.75
N LEU A 207 7.95 -11.09 -5.54
CA LEU A 207 7.91 -10.95 -7.01
C LEU A 207 6.60 -10.29 -7.49
N ALA A 208 5.51 -10.65 -6.82
CA ALA A 208 4.20 -10.07 -7.13
C ALA A 208 4.19 -8.62 -6.72
N LEU A 209 4.88 -8.26 -5.64
CA LEU A 209 4.88 -6.85 -5.24
C LEU A 209 5.69 -6.02 -6.26
N ILE A 210 6.75 -6.61 -6.77
CA ILE A 210 7.61 -5.91 -7.75
C ILE A 210 6.76 -5.57 -8.97
N GLY A 211 6.08 -6.59 -9.47
CA GLY A 211 5.24 -6.47 -10.66
C GLY A 211 4.12 -5.51 -10.45
N LEU A 212 3.50 -5.60 -9.28
CA LEU A 212 2.41 -4.67 -8.94
C LEU A 212 2.88 -3.23 -8.93
N GLU A 213 4.08 -3.00 -8.43
CA GLU A 213 4.53 -1.62 -8.24
C GLU A 213 4.78 -1.00 -9.59
N HIS A 214 5.25 -1.84 -10.49
CA HIS A 214 5.53 -1.44 -11.86
C HIS A 214 4.24 -1.06 -12.59
N LEU A 215 3.29 -1.97 -12.55
CA LEU A 215 1.99 -1.80 -13.24
C LEU A 215 1.16 -0.66 -12.67
N LEU A 216 1.43 -0.36 -11.43
CA LEU A 216 0.72 0.70 -10.70
C LEU A 216 1.14 2.05 -11.26
N GLN A 217 2.44 2.22 -11.31
CA GLN A 217 3.06 3.40 -11.89
C GLN A 217 2.60 3.55 -13.36
N SER A 218 2.49 2.44 -14.03
CA SER A 218 2.12 2.43 -15.46
CA SER A 218 2.11 2.40 -15.45
C SER A 218 0.68 2.89 -15.72
N LYS A 219 -0.20 2.68 -14.75
CA LYS A 219 -1.63 2.99 -14.90
C LYS A 219 -2.06 4.19 -14.07
N VAL A 220 -1.07 4.94 -13.68
CA VAL A 220 -1.26 6.06 -12.79
C VAL A 220 -2.24 7.06 -13.39
N LEU A 221 -2.12 7.27 -14.69
CA LEU A 221 -2.98 8.27 -15.34
C LEU A 221 -4.42 7.80 -15.46
N SER A 222 -4.60 6.49 -15.51
CA SER A 222 -5.95 5.92 -15.60
C SER A 222 -6.66 6.13 -14.29
N GLY A 223 -5.87 6.02 -13.25
CA GLY A 223 -6.37 6.13 -11.90
C GLY A 223 -6.68 7.57 -11.53
N GLY A 224 -5.87 8.49 -12.02
CA GLY A 224 -5.99 9.89 -11.57
C GLY A 224 -6.82 10.78 -12.45
N LYS A 225 -7.08 10.32 -13.65
CA LYS A 225 -7.75 11.15 -14.67
C LYS A 225 -9.06 11.83 -14.19
N TYR A 226 -9.92 11.08 -13.53
CA TYR A 226 -11.18 11.65 -13.04
C TYR A 226 -10.92 12.74 -12.02
N LEU A 227 -10.00 12.47 -11.12
CA LEU A 227 -9.65 13.44 -10.06
C LEU A 227 -9.05 14.69 -10.70
N PHE A 228 -8.10 14.50 -11.59
CA PHE A 228 -7.39 15.65 -12.20
C PHE A 228 -8.33 16.54 -12.98
N GLU A 229 -9.28 15.94 -13.66
CA GLU A 229 -10.23 16.67 -14.48
C GLU A 229 -11.12 17.51 -13.58
N VAL A 230 -11.55 16.94 -12.46
CA VAL A 230 -12.39 17.70 -11.52
C VAL A 230 -11.56 18.86 -10.96
N MSE A 231 -10.30 18.59 -10.66
CA MSE A 231 -9.43 19.60 -10.04
C MSE A 231 -9.17 20.77 -10.96
O MSE A 231 -9.10 21.94 -10.54
CB MSE A 231 -8.14 18.99 -9.54
CG MSE A 231 -8.33 18.20 -8.30
SE MSE A 231 -6.73 17.32 -7.66
CE MSE A 231 -5.88 18.81 -6.77
N ARG A 232 -9.07 20.47 -12.25
CA ARG A 232 -8.71 21.50 -13.22
C ARG A 232 -9.89 22.37 -13.55
N GLU A 233 -11.04 22.07 -12.96
CA GLU A 233 -12.23 22.92 -13.15
C GLU A 233 -12.05 24.25 -12.44
N ARG A 234 -10.96 24.37 -11.71
CA ARG A 234 -10.61 25.66 -11.11
C ARG A 234 -9.14 25.89 -11.31
N ASP A 235 -8.79 27.16 -11.37
CA ASP A 235 -7.46 27.55 -11.80
C ASP A 235 -6.50 27.82 -10.67
N ARG A 236 -6.80 27.27 -9.51
CA ARG A 236 -5.97 27.49 -8.32
C ARG A 236 -6.01 26.27 -7.44
N PRO A 237 -5.15 26.22 -6.46
CA PRO A 237 -5.09 24.98 -5.68
C PRO A 237 -6.32 24.79 -4.83
N TRP A 238 -6.47 23.56 -4.37
CA TRP A 238 -7.56 23.14 -3.51
C TRP A 238 -7.06 22.83 -2.15
N THR A 239 -7.87 23.15 -1.13
CA THR A 239 -7.54 22.62 0.21
C THR A 239 -8.11 21.20 0.26
N MSE A 240 -7.65 20.38 1.20
CA MSE A 240 -8.18 19.02 1.35
C MSE A 240 -9.66 19.09 1.63
O MSE A 240 -10.45 18.36 1.07
CB MSE A 240 -7.49 18.28 2.50
CG MSE A 240 -8.00 16.88 2.77
SE MSE A 240 -8.04 15.73 1.16
CE MSE A 240 -6.16 15.51 0.74
N HIS A 241 -10.04 19.99 2.52
CA HIS A 241 -11.49 20.12 2.88
C HIS A 241 -12.34 20.43 1.66
N GLU A 242 -11.81 21.27 0.81
CA GLU A 242 -12.53 21.65 -0.41
C GLU A 242 -12.73 20.44 -1.33
N LEU A 243 -11.71 19.64 -1.41
CA LEU A 243 -11.74 18.40 -2.22
C LEU A 243 -12.76 17.43 -1.63
N MSE A 244 -12.71 17.31 -0.32
CA MSE A 244 -13.61 16.40 0.39
C MSE A 244 -15.06 16.78 0.29
O MSE A 244 -15.93 15.93 0.44
CB MSE A 244 -13.26 16.28 1.87
CG MSE A 244 -11.94 15.64 2.13
SE MSE A 244 -11.89 13.72 1.90
CE MSE A 244 -13.06 13.30 3.34
N GLU A 245 -15.30 18.07 0.04
CA GLU A 245 -16.63 18.62 0.03
C GLU A 245 -17.20 18.73 -1.37
N GLU A 246 -16.36 18.51 -2.35
CA GLU A 246 -16.75 18.62 -3.78
C GLU A 246 -17.65 17.46 -4.13
N SER A 247 -18.82 17.75 -4.65
CA SER A 247 -19.81 16.68 -4.85
C SER A 247 -19.34 15.60 -5.82
N ARG A 248 -18.61 16.01 -6.84
CA ARG A 248 -18.18 15.05 -7.87
C ARG A 248 -17.18 14.04 -7.36
N LEU A 249 -16.69 14.30 -6.15
CA LEU A 249 -15.65 13.42 -5.53
C LEU A 249 -16.20 12.60 -4.37
N THR A 250 -17.50 12.65 -4.23
CA THR A 250 -18.20 11.98 -3.12
CA THR A 250 -18.15 12.01 -3.08
C THR A 250 -17.78 10.54 -2.94
N GLU A 251 -17.77 9.83 -4.03
CA GLU A 251 -17.47 8.38 -4.00
C GLU A 251 -16.01 8.11 -3.71
N LEU A 252 -15.19 9.15 -3.81
CA LEU A 252 -13.76 8.99 -3.61
C LEU A 252 -13.31 9.48 -2.26
N LYS A 253 -14.24 9.98 -1.45
CA LYS A 253 -13.85 10.57 -0.14
C LYS A 253 -12.96 9.64 0.66
N VAL A 254 -13.31 8.37 0.65
CA VAL A 254 -12.63 7.42 1.54
C VAL A 254 -11.18 7.25 1.20
N ASP A 255 -10.87 7.50 -0.07
CA ASP A 255 -9.50 7.23 -0.57
C ASP A 255 -8.74 8.44 -1.09
N LEU A 256 -9.37 9.60 -0.98
CA LEU A 256 -8.83 10.83 -1.53
C LEU A 256 -7.47 11.15 -0.90
N GLY A 257 -7.37 11.01 0.42
CA GLY A 257 -6.12 11.28 1.07
C GLY A 257 -4.97 10.44 0.51
N SER A 258 -5.20 9.14 0.36
CA SER A 258 -4.13 8.23 -0.15
C SER A 258 -3.83 8.43 -1.60
N LEU A 259 -4.86 8.75 -2.37
CA LEU A 259 -4.68 9.00 -3.81
C LEU A 259 -3.84 10.23 -3.98
N VAL A 260 -4.18 11.27 -3.23
CA VAL A 260 -3.46 12.52 -3.35
C VAL A 260 -2.00 12.36 -2.93
N ASP A 261 -1.77 11.63 -1.87
CA ASP A 261 -0.40 11.38 -1.38
C ASP A 261 0.41 10.69 -2.45
N PHE A 262 -0.26 9.75 -3.09
CA PHE A 262 0.38 8.98 -4.12
C PHE A 262 0.72 9.84 -5.32
N PHE A 263 -0.24 10.61 -5.78
CA PHE A 263 -0.05 11.43 -6.96
C PHE A 263 1.03 12.50 -6.72
N ILE A 264 1.21 12.91 -5.47
CA ILE A 264 2.22 13.92 -5.13
C ILE A 264 3.57 13.27 -5.33
N ARG A 265 3.69 12.03 -4.89
CA ARG A 265 4.96 11.31 -4.98
C ARG A 265 5.31 10.95 -6.43
N LYS A 266 4.32 10.90 -7.29
CA LYS A 266 4.53 10.55 -8.69
C LYS A 266 4.66 11.80 -9.55
N GLY A 267 4.58 12.93 -8.88
CA GLY A 267 4.79 14.22 -9.53
C GLY A 267 3.61 14.77 -10.27
N LEU A 268 2.42 14.21 -10.03
CA LEU A 268 1.22 14.64 -10.79
C LEU A 268 0.37 15.69 -10.05
N ILE A 269 0.65 15.82 -8.77
CA ILE A 269 -0.02 16.80 -7.93
C ILE A 269 1.05 17.55 -7.17
N ARG A 270 0.86 18.84 -7.08
CA ARG A 270 1.79 19.73 -6.39
C ARG A 270 1.26 20.17 -5.05
N ILE A 271 2.04 19.92 -4.02
CA ILE A 271 1.67 20.32 -2.64
C ILE A 271 2.32 21.65 -2.23
N SER A 272 1.49 22.53 -1.67
CA SER A 272 1.94 23.77 -1.16
C SER A 272 1.19 24.16 0.10
N TYR A 273 1.58 25.28 0.63
CA TYR A 273 1.10 25.74 1.90
C TYR A 273 0.79 27.21 1.86
N GLN A 274 -0.40 27.57 2.30
CA GLN A 274 -0.86 28.95 2.26
C GLN A 274 -1.24 29.47 3.64
N ARG A 275 -0.50 30.44 4.12
CA ARG A 275 -0.74 30.92 5.46
C ARG A 275 -1.83 31.97 5.47
N THR A 276 -2.76 31.78 6.39
CA THR A 276 -3.90 32.68 6.52
C THR A 276 -3.39 34.02 7.03
N LYS A 277 -3.77 35.08 6.33
CA LYS A 277 -3.34 36.39 6.73
C LYS A 277 -3.77 36.65 8.16
N GLY A 278 -2.82 37.14 8.96
CA GLY A 278 -3.05 37.52 10.33
C GLY A 278 -2.93 36.39 11.30
N LEU A 279 -2.71 35.18 10.77
CA LEU A 279 -2.69 33.95 11.56
C LEU A 279 -1.46 33.14 11.30
N GLY A 280 -1.23 32.17 12.16
CA GLY A 280 -0.04 31.33 12.05
C GLY A 280 -0.30 30.06 11.30
N VAL A 281 -1.58 29.70 11.23
CA VAL A 281 -2.02 28.50 10.49
C VAL A 281 -1.91 28.61 9.00
N GLU A 282 -1.38 27.52 8.40
CA GLU A 282 -1.33 27.32 6.96
C GLU A 282 -2.26 26.18 6.58
N LEU A 283 -2.96 26.40 5.48
CA LEU A 283 -3.76 25.36 4.86
C LEU A 283 -2.90 24.73 3.81
N VAL A 284 -2.89 23.39 3.79
CA VAL A 284 -2.23 22.64 2.76
C VAL A 284 -3.10 22.69 1.53
N THR A 285 -2.47 22.89 0.38
CA THR A 285 -3.19 23.02 -0.90
C THR A 285 -2.54 22.16 -1.96
N TYR A 286 -3.40 21.72 -2.86
CA TYR A 286 -3.06 20.74 -3.88
C TYR A 286 -3.52 21.17 -5.24
N GLU A 287 -2.66 20.90 -6.21
CA GLU A 287 -2.96 21.34 -7.58
C GLU A 287 -2.40 20.34 -8.59
N PRO A 288 -3.19 19.99 -9.62
CA PRO A 288 -2.61 19.08 -10.61
C PRO A 288 -1.51 19.79 -11.39
N VAL A 289 -0.43 19.06 -11.60
CA VAL A 289 0.72 19.53 -12.34
C VAL A 289 0.46 19.40 -13.84
N VAL A 290 1.08 20.31 -14.57
CA VAL A 290 1.02 20.34 -16.04
C VAL A 290 -0.26 21.03 -16.46
N GLY B 1 1.64 19.57 25.28
CA GLY B 1 2.47 18.72 24.35
C GLY B 1 1.88 18.79 22.96
N MSE B 2 1.08 17.79 22.62
CA MSE B 2 0.25 17.87 21.40
C MSE B 2 -0.87 18.86 21.65
O MSE B 2 -1.32 19.53 20.73
CB MSE B 2 -0.32 16.53 20.96
CG MSE B 2 0.68 15.73 20.16
SE MSE B 2 0.00 14.00 19.57
CE MSE B 2 -0.31 13.16 21.33
N GLU B 3 -1.29 18.98 22.91
CA GLU B 3 -2.37 19.92 23.26
C GLU B 3 -1.89 21.35 23.01
N GLN B 4 -0.66 21.62 23.38
CA GLN B 4 -0.08 22.95 23.21
C GLN B 4 0.19 23.19 21.78
N ALA B 5 0.70 22.16 21.12
CA ALA B 5 1.19 22.23 19.75
C ALA B 5 0.07 22.53 18.78
N THR B 6 -1.11 22.03 19.08
CA THR B 6 -2.24 22.12 18.14
C THR B 6 -3.36 23.01 18.65
N ARG B 7 -3.09 23.73 19.70
CA ARG B 7 -4.13 24.53 20.36
C ARG B 7 -4.83 25.50 19.43
N THR B 8 -4.08 26.07 18.51
CA THR B 8 -4.62 27.13 17.64
C THR B 8 -5.50 26.55 16.59
N ILE B 9 -5.38 25.24 16.42
CA ILE B 9 -6.22 24.53 15.46
C ILE B 9 -7.50 24.01 16.12
N TYR B 10 -7.36 23.38 17.28
CA TYR B 10 -8.46 22.64 17.90
C TYR B 10 -9.37 23.49 18.78
N SER B 11 -8.87 24.61 19.24
CA SER B 11 -9.63 25.43 20.21
C SER B 11 -10.99 25.85 19.71
N GLU B 12 -11.07 26.17 18.44
CA GLU B 12 -12.35 26.60 17.85
C GLU B 12 -13.38 25.48 17.92
N TYR B 13 -12.89 24.27 17.74
CA TYR B 13 -13.76 23.07 17.80
C TYR B 13 -14.23 22.85 19.21
N ALA B 14 -13.31 23.00 20.13
CA ALA B 14 -13.65 22.80 21.54
C ALA B 14 -14.76 23.78 21.94
N ALA B 15 -14.74 24.95 21.32
CA ALA B 15 -15.66 26.04 21.68
C ALA B 15 -17.07 25.78 21.20
N TYR B 16 -17.21 24.99 20.15
CA TYR B 16 -18.53 24.77 19.54
C TYR B 16 -19.26 23.74 20.37
N PRO B 17 -20.46 24.09 20.87
CA PRO B 17 -21.13 23.27 21.86
C PRO B 17 -21.34 21.83 21.47
N GLU B 18 -21.40 21.55 20.17
CA GLU B 18 -21.73 20.21 19.65
C GLU B 18 -20.58 19.25 19.70
N THR B 19 -19.39 19.77 19.94
CA THR B 19 -18.18 18.93 19.99
C THR B 19 -18.20 18.06 21.21
N GLN B 20 -18.08 16.76 21.00
CA GLN B 20 -18.15 15.81 22.11
C GLN B 20 -16.79 15.41 22.59
N GLY B 21 -15.81 15.50 21.72
CA GLY B 21 -14.45 15.12 22.03
C GLY B 21 -13.40 15.37 20.97
N ILE B 22 -12.19 15.57 21.45
CA ILE B 22 -11.01 15.77 20.62
C ILE B 22 -9.88 14.90 21.12
N ILE B 23 -9.43 14.03 20.23
CA ILE B 23 -8.30 13.13 20.45
C ILE B 23 -7.15 13.53 19.53
N ALA B 24 -5.94 13.42 20.04
CA ALA B 24 -4.72 13.63 19.27
C ALA B 24 -3.88 12.37 19.21
N VAL B 25 -3.37 12.07 18.03
CA VAL B 25 -2.49 10.92 17.79
C VAL B 25 -1.21 11.37 17.08
N GLU B 26 -0.09 11.07 17.72
CA GLU B 26 1.24 11.43 17.20
C GLU B 26 1.73 10.36 16.22
N LYS B 27 2.41 10.77 15.17
CA LYS B 27 2.95 9.79 14.22
C LYS B 27 3.87 8.83 14.98
N ARG B 28 3.94 7.61 14.49
CA ARG B 28 4.74 6.58 15.17
C ARG B 28 6.11 6.50 14.53
N GLN B 29 6.10 6.73 13.25
CA GLN B 29 7.29 6.71 12.43
C GLN B 29 7.05 7.65 11.26
N PRO B 30 8.06 7.90 10.43
CA PRO B 30 7.70 8.75 9.30
C PRO B 30 6.71 8.02 8.41
N ARG B 31 5.96 8.81 7.67
CA ARG B 31 5.07 8.25 6.66
C ARG B 31 4.05 7.30 7.27
N ASP B 32 3.72 7.56 8.52
CA ASP B 32 2.68 6.81 9.21
C ASP B 32 1.30 7.03 8.57
N SER B 33 0.73 5.97 8.02
CA SER B 33 -0.65 5.99 7.50
C SER B 33 -1.65 6.22 8.64
N LEU B 34 -1.21 5.91 9.84
CA LEU B 34 -2.05 6.10 11.03
C LEU B 34 -2.45 7.57 11.16
N THR B 35 -1.51 8.45 10.80
CA THR B 35 -1.67 9.89 10.93
C THR B 35 -1.67 10.57 9.58
N ASP B 36 -2.03 9.80 8.57
CA ASP B 36 -2.18 10.32 7.18
C ASP B 36 -0.87 10.87 6.62
N GLN B 37 0.21 10.27 7.06
CA GLN B 37 1.54 10.66 6.61
C GLN B 37 1.94 12.03 7.14
N PHE B 38 1.14 12.55 8.07
CA PHE B 38 1.45 13.82 8.78
C PHE B 38 1.98 13.57 10.18
N ASP B 39 2.23 14.65 10.91
CA ASP B 39 2.92 14.56 12.22
C ASP B 39 1.95 14.24 13.34
N VAL B 40 0.75 14.78 13.19
CA VAL B 40 -0.28 14.62 14.19
C VAL B 40 -1.63 14.49 13.53
N LEU B 41 -2.46 13.64 14.09
CA LEU B 41 -3.82 13.49 13.60
C LEU B 41 -4.74 13.86 14.72
N LEU B 42 -5.69 14.74 14.44
CA LEU B 42 -6.70 15.16 15.39
C LEU B 42 -8.03 14.59 14.98
N LEU B 43 -8.67 13.93 15.92
CA LEU B 43 -9.99 13.35 15.72
C LEU B 43 -10.98 14.15 16.56
N VAL B 44 -11.85 14.84 15.85
CA VAL B 44 -12.87 15.66 16.47
C VAL B 44 -14.20 14.97 16.26
N ILE B 45 -14.83 14.60 17.36
CA ILE B 45 -16.12 13.93 17.34
C ILE B 45 -17.18 14.95 17.69
N THR B 46 -18.16 15.04 16.80
CA THR B 46 -19.18 16.09 16.90
C THR B 46 -20.59 15.61 16.70
N ARG B 47 -21.53 16.42 17.16
CA ARG B 47 -22.96 16.21 16.91
C ARG B 47 -23.50 17.22 15.91
N ASP B 48 -22.61 17.96 15.28
CA ASP B 48 -22.97 18.90 14.19
C ASP B 48 -23.79 18.15 13.16
N PRO B 49 -25.03 18.60 12.88
CA PRO B 49 -25.93 17.88 12.01
C PRO B 49 -25.51 17.91 10.58
N SER B 50 -24.62 18.83 10.25
CA SER B 50 -24.21 18.99 8.85
C SER B 50 -23.10 18.05 8.52
N VAL B 51 -22.60 17.35 9.52
CA VAL B 51 -21.42 16.51 9.37
C VAL B 51 -21.65 15.01 9.35
N GLU B 52 -20.95 14.30 8.47
CA GLU B 52 -20.90 12.83 8.51
CA GLU B 52 -20.92 12.85 8.49
C GLU B 52 -19.47 12.46 8.86
N TRP B 53 -18.61 12.69 7.91
CA TRP B 53 -17.17 12.52 8.07
C TRP B 53 -16.45 13.36 7.04
N THR B 54 -15.57 14.24 7.50
CA THR B 54 -14.71 15.01 6.59
C THR B 54 -13.29 15.20 7.13
N VAL B 55 -12.41 15.73 6.27
CA VAL B 55 -11.00 15.88 6.58
C VAL B 55 -10.50 17.27 6.20
N LYS B 56 -9.68 17.82 7.07
CA LYS B 56 -9.00 19.12 6.87
C LYS B 56 -7.46 18.89 7.11
N HIS B 57 -6.63 19.57 6.33
CA HIS B 57 -5.15 19.52 6.43
C HIS B 57 -4.53 20.88 6.66
N TYR B 58 -3.66 20.91 7.65
CA TYR B 58 -2.98 22.12 8.07
C TYR B 58 -1.50 21.91 8.26
N ARG B 59 -0.80 23.01 8.27
CA ARG B 59 0.56 23.05 8.77
C ARG B 59 0.72 24.21 9.78
N LEU B 60 1.33 23.90 10.89
CA LEU B 60 1.62 24.93 11.94
C LEU B 60 3.09 24.94 12.16
N ASN B 61 3.72 25.95 11.60
CA ASN B 61 5.18 26.03 11.60
C ASN B 61 5.68 24.89 10.76
N THR B 62 6.17 23.87 11.43
CA THR B 62 6.69 22.69 10.72
C THR B 62 5.80 21.46 10.92
N LEU B 63 4.86 21.58 11.83
CA LEU B 63 3.97 20.46 12.16
C LEU B 63 2.80 20.36 11.21
N ARG B 64 2.72 19.23 10.52
CA ARG B 64 1.64 18.98 9.62
C ARG B 64 0.56 18.22 10.34
N VAL B 65 -0.63 18.77 10.27
CA VAL B 65 -1.76 18.24 11.06
C VAL B 65 -2.91 17.86 10.15
N SER B 66 -3.36 16.62 10.30
CA SER B 66 -4.58 16.14 9.66
C SER B 66 -5.71 16.04 10.67
N LEU B 67 -6.82 16.68 10.34
CA LEU B 67 -7.99 16.71 11.23
C LEU B 67 -9.15 15.96 10.63
N HIS B 68 -9.58 14.94 11.32
CA HIS B 68 -10.75 14.16 10.90
C HIS B 68 -11.94 14.54 11.75
N LEU B 69 -12.98 14.99 11.09
CA LEU B 69 -14.17 15.47 11.80
C LEU B 69 -15.27 14.45 11.48
N VAL B 70 -15.80 13.86 12.54
CA VAL B 70 -16.75 12.75 12.38
C VAL B 70 -17.93 12.88 13.33
N HIS B 71 -19.12 12.64 12.79
CA HIS B 71 -20.34 12.61 13.64
C HIS B 71 -20.23 11.46 14.63
N GLU B 72 -20.73 11.72 15.82
CA GLU B 72 -20.73 10.73 16.88
C GLU B 72 -21.42 9.45 16.43
N GLN B 73 -22.43 9.57 15.57
CA GLN B 73 -23.22 8.40 15.12
C GLN B 73 -22.52 7.61 14.04
N VAL B 74 -21.62 8.27 13.32
CA VAL B 74 -20.83 7.61 12.28
C VAL B 74 -19.76 6.76 12.95
N LEU B 75 -19.05 7.36 13.90
CA LEU B 75 -18.00 6.69 14.64
C LEU B 75 -18.57 5.50 15.39
N SER B 76 -19.70 5.72 16.02
CA SER B 76 -20.35 4.65 16.80
C SER B 76 -20.62 3.44 15.95
N ARG B 77 -21.10 3.69 14.75
CA ARG B 77 -21.44 2.60 13.84
C ARG B 77 -20.17 1.92 13.37
N TRP B 78 -19.12 2.70 13.13
CA TRP B 78 -17.86 2.09 12.70
C TRP B 78 -17.37 1.14 13.78
N LEU B 79 -17.49 1.58 15.02
CA LEU B 79 -17.01 0.81 16.18
C LEU B 79 -17.83 -0.45 16.35
N ILE B 80 -19.14 -0.31 16.19
CA ILE B 80 -20.10 -1.40 16.37
C ILE B 80 -19.88 -2.50 15.35
N LEU B 81 -19.51 -2.09 14.15
CA LEU B 81 -19.35 -3.00 13.01
C LEU B 81 -17.89 -3.41 12.80
N ASN B 82 -17.03 -2.80 13.59
CA ASN B 82 -15.57 -2.99 13.44
C ASN B 82 -15.16 -2.67 12.01
N ALA B 83 -15.73 -1.61 11.48
CA ALA B 83 -15.54 -1.18 10.08
C ALA B 83 -14.38 -0.22 9.85
N ASN B 84 -13.68 0.12 10.93
CA ASN B 84 -12.57 1.10 10.88
C ASN B 84 -11.54 0.86 11.96
N ARG B 85 -10.54 0.05 11.61
CA ARG B 85 -9.52 -0.35 12.57
C ARG B 85 -8.64 0.82 13.01
N ARG B 86 -8.55 1.83 12.15
CA ARG B 86 -7.75 3.04 12.46
C ARG B 86 -8.40 3.82 13.56
N ALA B 87 -9.71 3.95 13.46
CA ALA B 87 -10.53 4.71 14.41
C ALA B 87 -10.41 4.11 15.78
N VAL B 88 -10.27 2.79 15.81
CA VAL B 88 -10.18 2.07 17.10
C VAL B 88 -8.87 2.43 17.75
N HIS B 89 -7.82 2.45 16.93
CA HIS B 89 -6.51 2.77 17.43
C HIS B 89 -6.51 4.22 17.91
N TRP B 90 -7.11 5.10 17.11
CA TRP B 90 -7.13 6.52 17.48
C TRP B 90 -7.70 6.73 18.88
N VAL B 91 -8.85 6.11 19.09
CA VAL B 91 -9.55 6.28 20.37
C VAL B 91 -8.79 5.64 21.53
N SER B 92 -8.28 4.45 21.31
CA SER B 92 -7.67 3.67 22.41
C SER B 92 -6.29 4.19 22.80
N GLU B 93 -5.53 4.60 21.80
CA GLU B 93 -4.14 5.05 22.00
C GLU B 93 -4.00 6.56 22.06
N GLY B 94 -4.93 7.23 21.39
CA GLY B 94 -4.92 8.68 21.29
C GLY B 94 -5.01 9.35 22.63
N THR B 95 -4.55 10.59 22.65
CA THR B 95 -4.56 11.44 23.84
C THR B 95 -5.77 12.34 23.84
N ILE B 96 -6.49 12.34 24.95
CA ILE B 96 -7.69 13.16 25.05
C ILE B 96 -7.25 14.57 25.23
N ILE B 97 -7.66 15.41 24.29
CA ILE B 97 -7.39 16.85 24.36
C ILE B 97 -8.58 17.60 24.96
N PHE B 98 -9.74 17.08 24.70
CA PHE B 98 -10.98 17.73 25.12
C PHE B 98 -12.14 16.78 25.05
N GLU B 99 -13.06 16.94 25.99
CA GLU B 99 -14.30 16.17 25.94
C GLU B 99 -15.40 16.82 26.72
N ARG B 100 -16.60 16.48 26.31
CA ARG B 100 -17.81 16.81 27.03
C ARG B 100 -18.47 15.51 27.49
N ASN B 101 -19.17 15.57 28.61
CA ASN B 101 -19.95 14.44 29.10
C ASN B 101 -19.12 13.18 29.27
N ASP B 102 -17.82 13.37 29.51
CA ASP B 102 -16.90 12.22 29.61
C ASP B 102 -17.02 11.25 28.43
N TYR B 103 -17.28 11.84 27.28
CA TYR B 103 -17.52 11.04 26.07
C TYR B 103 -16.35 10.15 25.74
N LEU B 104 -15.15 10.70 25.79
CA LEU B 104 -13.95 9.94 25.36
C LEU B 104 -13.42 9.04 26.48
N THR B 105 -13.61 9.49 27.69
CA THR B 105 -13.20 8.71 28.87
C THR B 105 -14.01 7.41 28.86
N ASP B 106 -15.29 7.55 28.63
CA ASP B 106 -16.18 6.40 28.64
C ASP B 106 -15.97 5.56 27.41
N LEU B 107 -15.67 6.21 26.28
CA LEU B 107 -15.54 5.47 25.03
C LEU B 107 -14.34 4.56 25.16
N LYS B 108 -13.25 5.07 25.73
CA LYS B 108 -12.03 4.24 25.89
C LYS B 108 -12.34 3.01 26.75
N LYS B 109 -13.20 3.22 27.74
CA LYS B 109 -13.59 2.15 28.67
C LYS B 109 -14.37 1.09 27.91
N GLN B 110 -15.29 1.56 27.08
CA GLN B 110 -16.19 0.65 26.36
C GLN B 110 -15.43 -0.15 25.34
N LEU B 111 -14.29 0.37 24.91
CA LEU B 111 -13.54 -0.26 23.81
C LEU B 111 -12.85 -1.50 24.32
N ARG B 112 -12.72 -1.60 25.63
CA ARG B 112 -12.04 -2.76 26.25
C ARG B 112 -13.03 -3.92 26.37
N ASN B 113 -14.25 -3.69 25.94
CA ASN B 113 -15.33 -4.68 25.98
C ASN B 113 -15.89 -4.93 24.59
N PHE B 114 -16.43 -6.13 24.39
CA PHE B 114 -17.04 -6.52 23.11
C PHE B 114 -18.46 -7.01 23.38
N PRO B 115 -19.45 -6.11 23.30
CA PRO B 115 -20.83 -6.51 23.54
C PRO B 115 -21.24 -7.65 22.62
N GLU B 116 -21.97 -8.58 23.20
CA GLU B 116 -22.37 -9.80 22.48
C GLU B 116 -23.14 -9.48 21.23
N THR B 117 -23.97 -8.47 21.36
CA THR B 117 -24.88 -8.10 20.30
C THR B 117 -24.10 -7.61 19.09
N GLU B 118 -23.04 -6.86 19.39
CA GLU B 118 -22.11 -6.37 18.36
C GLU B 118 -21.36 -7.51 17.75
N ARG B 119 -20.90 -8.41 18.59
CA ARG B 119 -20.11 -9.55 18.13
C ARG B 119 -20.93 -10.45 17.23
N CYS B 120 -22.16 -10.70 17.64
CA CYS B 120 -23.05 -11.60 16.89
C CYS B 120 -23.46 -11.02 15.58
N LEU B 121 -23.67 -9.72 15.55
CA LEU B 121 -24.02 -9.03 14.30
C LEU B 121 -22.84 -9.15 13.32
N GLN B 122 -21.66 -8.94 13.86
CA GLN B 122 -20.43 -9.05 13.08
C GLN B 122 -20.23 -10.47 12.55
N MSE B 123 -20.63 -11.47 13.33
CA MSE B 123 -20.53 -12.87 12.86
C MSE B 123 -21.49 -13.16 11.71
O MSE B 123 -21.18 -13.90 10.80
CB MSE B 123 -20.73 -13.88 13.99
CG MSE B 123 -19.53 -13.92 14.93
SE MSE B 123 -19.65 -15.36 16.17
CE MSE B 123 -21.12 -14.75 17.21
N SER B 124 -22.68 -12.58 11.77
CA SER B 124 -23.67 -12.78 10.69
C SER B 124 -23.18 -12.15 9.39
N LEU B 125 -22.56 -11.00 9.55
CA LEU B 125 -22.04 -10.21 8.42
C LEU B 125 -20.90 -10.96 7.73
N SER B 126 -20.04 -11.58 8.56
CA SER B 126 -18.90 -12.35 8.03
CA SER B 126 -18.90 -12.35 8.04
C SER B 126 -19.40 -13.62 7.36
N PHE B 127 -20.25 -14.33 8.08
CA PHE B 127 -20.86 -15.57 7.58
C PHE B 127 -21.54 -15.33 6.24
N ALA B 128 -22.22 -14.20 6.13
CA ALA B 128 -22.93 -13.90 4.88
C ALA B 128 -21.97 -13.75 3.72
N LYS B 129 -20.81 -13.15 3.99
CA LYS B 129 -19.80 -12.91 2.95
C LYS B 129 -19.13 -14.22 2.58
N LEU B 130 -18.89 -15.04 3.59
CA LEU B 130 -18.30 -16.38 3.38
C LEU B 130 -19.19 -17.23 2.49
N LEU B 131 -20.47 -17.19 2.79
CA LEU B 131 -21.47 -17.99 2.06
C LEU B 131 -21.47 -17.58 0.58
N ARG B 132 -21.49 -16.28 0.33
CA ARG B 132 -21.58 -15.74 -1.04
C ARG B 132 -20.32 -16.04 -1.83
N ARG B 133 -19.15 -15.86 -1.20
CA ARG B 133 -17.88 -16.15 -1.87
C ARG B 133 -17.77 -17.65 -2.16
N PHE B 134 -18.18 -18.45 -1.20
CA PHE B 134 -18.15 -19.90 -1.39
C PHE B 134 -18.98 -20.33 -2.59
N GLN B 135 -20.18 -19.79 -2.64
CA GLN B 135 -21.14 -20.15 -3.67
C GLN B 135 -20.61 -19.76 -5.05
N ASP B 136 -20.02 -18.58 -5.12
CA ASP B 136 -19.53 -18.05 -6.41
C ASP B 136 -18.35 -18.86 -6.86
N GLY B 137 -17.49 -19.20 -5.91
CA GLY B 137 -16.31 -19.98 -6.22
C GLY B 137 -16.67 -21.37 -6.68
N ARG B 138 -17.73 -21.88 -6.08
CA ARG B 138 -18.19 -23.24 -6.35
C ARG B 138 -18.70 -23.29 -7.77
N ASN B 139 -19.56 -22.33 -8.07
CA ASN B 139 -20.19 -22.19 -9.38
CA ASN B 139 -20.20 -22.19 -9.39
C ASN B 139 -19.18 -21.96 -10.49
N LEU B 140 -18.22 -21.10 -10.20
CA LEU B 140 -17.20 -20.75 -11.18
C LEU B 140 -16.37 -21.99 -11.46
N PHE B 141 -16.06 -22.72 -10.41
CA PHE B 141 -15.21 -23.91 -10.50
C PHE B 141 -15.88 -24.99 -11.34
N SER B 142 -17.20 -25.02 -11.23
CA SER B 142 -17.98 -26.04 -11.95
C SER B 142 -17.91 -25.76 -13.44
N ARG B 143 -17.74 -24.48 -13.75
CA ARG B 143 -17.80 -24.00 -15.12
C ARG B 143 -16.41 -23.96 -15.68
N GLY B 144 -15.49 -24.55 -14.94
CA GLY B 144 -14.09 -24.63 -15.35
C GLY B 144 -13.34 -23.32 -15.42
N ASN B 145 -13.87 -22.29 -14.75
CA ASN B 145 -13.23 -20.96 -14.64
C ASN B 145 -12.34 -20.89 -13.41
N TYR B 146 -11.17 -21.50 -13.51
CA TYR B 146 -10.34 -21.77 -12.33
C TYR B 146 -9.68 -20.55 -11.70
N TYR B 147 -9.30 -19.60 -12.54
CA TYR B 147 -8.57 -18.42 -12.05
C TYR B 147 -9.50 -17.51 -11.28
N ASP B 148 -10.75 -17.48 -11.74
CA ASP B 148 -11.77 -16.66 -11.14
C ASP B 148 -12.38 -17.37 -9.93
N ALA B 149 -12.41 -18.68 -10.00
CA ALA B 149 -12.87 -19.48 -8.86
C ALA B 149 -11.87 -19.31 -7.69
N TYR B 150 -10.60 -19.28 -8.02
CA TYR B 150 -9.54 -19.20 -7.02
C TYR B 150 -9.68 -17.91 -6.24
N THR B 151 -10.20 -16.90 -6.90
CA THR B 151 -10.35 -15.58 -6.30
C THR B 151 -11.39 -15.61 -5.21
N HIS B 152 -12.49 -16.30 -5.49
CA HIS B 152 -13.61 -16.31 -4.56
C HIS B 152 -13.37 -17.27 -3.45
N VAL B 153 -12.72 -18.37 -3.80
CA VAL B 153 -12.41 -19.38 -2.79
C VAL B 153 -11.45 -18.77 -1.78
N HIS B 154 -10.57 -17.94 -2.31
CA HIS B 154 -9.56 -17.31 -1.51
C HIS B 154 -10.18 -16.32 -0.53
N HIS B 155 -11.08 -15.50 -1.05
CA HIS B 155 -11.80 -14.51 -0.23
CA HIS B 155 -11.74 -14.49 -0.22
C HIS B 155 -12.67 -15.19 0.78
N ALA B 156 -13.18 -16.36 0.41
CA ALA B 156 -14.05 -17.13 1.31
C ALA B 156 -13.28 -17.58 2.52
N LEU B 157 -12.05 -18.04 2.30
CA LEU B 157 -11.21 -18.51 3.41
C LEU B 157 -10.90 -17.36 4.35
N HIS B 158 -10.76 -16.18 3.78
CA HIS B 158 -10.43 -15.01 4.57
C HIS B 158 -11.57 -14.66 5.51
N HIS B 159 -12.80 -14.72 5.00
CA HIS B 159 -13.98 -14.41 5.83
C HIS B 159 -14.15 -15.46 6.91
N LEU B 160 -13.77 -16.68 6.58
CA LEU B 160 -13.89 -17.80 7.49
C LEU B 160 -12.91 -17.64 8.63
N ALA B 161 -11.75 -17.10 8.27
CA ALA B 161 -10.70 -16.83 9.24
C ALA B 161 -11.25 -15.76 10.19
N ARG B 162 -11.86 -14.73 9.63
CA ARG B 162 -12.39 -13.64 10.43
C ARG B 162 -13.48 -14.10 11.35
N LEU B 163 -14.36 -14.92 10.81
CA LEU B 163 -15.48 -15.46 11.59
C LEU B 163 -14.99 -16.28 12.75
N SER B 164 -13.89 -16.98 12.52
CA SER B 164 -13.35 -17.93 13.51
C SER B 164 -12.75 -17.17 14.67
N VAL B 165 -12.26 -15.97 14.38
CA VAL B 165 -11.69 -15.09 15.40
C VAL B 165 -12.85 -14.50 16.24
N LEU B 166 -13.89 -14.08 15.55
CA LEU B 166 -15.08 -13.54 16.20
C LEU B 166 -15.67 -14.59 17.11
N GLU B 167 -15.68 -15.82 16.63
CA GLU B 167 -16.27 -16.92 17.41
C GLU B 167 -15.56 -17.11 18.74
N LYS B 168 -14.27 -16.77 18.78
CA LYS B 168 -13.49 -16.95 20.00
C LYS B 168 -13.52 -15.68 20.86
N GLY B 169 -14.26 -14.69 20.38
CA GLY B 169 -14.57 -13.50 21.17
C GLY B 169 -13.69 -12.31 20.92
N ALA B 170 -12.92 -12.36 19.85
CA ALA B 170 -11.97 -11.29 19.53
C ALA B 170 -12.33 -10.55 18.28
N HIS B 171 -11.92 -9.30 18.21
CA HIS B 171 -12.09 -8.50 17.00
C HIS B 171 -11.06 -8.93 15.96
N PRO B 172 -11.50 -9.13 14.72
CA PRO B 172 -10.54 -9.40 13.68
C PRO B 172 -9.72 -8.15 13.38
N GLU B 173 -8.43 -8.37 13.24
CA GLU B 173 -7.47 -7.34 12.86
C GLU B 173 -6.94 -7.59 11.45
N VAL B 174 -6.02 -6.73 11.01
CA VAL B 174 -5.47 -6.83 9.65
C VAL B 174 -4.63 -8.09 9.56
N VAL B 175 -4.02 -8.43 10.68
CA VAL B 175 -3.24 -9.66 10.77
C VAL B 175 -4.12 -10.78 11.30
N VAL B 176 -4.87 -11.39 10.40
CA VAL B 176 -5.90 -12.35 10.79
C VAL B 176 -5.42 -13.78 10.70
N TRP B 177 -4.48 -14.06 9.81
CA TRP B 177 -4.02 -15.47 9.62
C TRP B 177 -3.19 -15.89 10.78
N GLU B 178 -2.61 -14.90 11.45
CA GLU B 178 -1.79 -15.19 12.62
C GLU B 178 -2.73 -15.44 13.79
N GLN B 179 -3.82 -14.68 13.82
CA GLN B 179 -4.85 -14.83 14.87
C GLN B 179 -5.45 -16.22 14.80
N ALA B 180 -5.84 -16.62 13.59
CA ALA B 180 -6.57 -17.87 13.37
C ALA B 180 -5.68 -19.12 13.38
N ARG B 181 -4.37 -18.93 13.37
CA ARG B 181 -3.47 -20.10 13.38
C ARG B 181 -3.66 -20.89 14.68
N LEU B 182 -4.19 -20.18 15.67
CA LEU B 182 -4.48 -20.76 16.99
C LEU B 182 -5.97 -20.80 17.24
N ASP B 183 -6.62 -19.67 17.04
CA ASP B 183 -8.10 -19.56 17.22
C ASP B 183 -8.84 -20.62 16.45
N ASP B 184 -8.20 -21.11 15.37
CA ASP B 184 -8.80 -22.16 14.50
C ASP B 184 -7.82 -22.80 13.48
N PRO B 185 -7.03 -23.79 13.93
CA PRO B 185 -6.00 -24.45 13.13
C PRO B 185 -6.51 -25.11 11.88
N ASP B 186 -7.78 -25.52 11.89
CA ASP B 186 -8.36 -26.22 10.73
C ASP B 186 -8.48 -25.26 9.55
N VAL B 187 -8.84 -24.03 9.89
CA VAL B 187 -9.06 -22.97 8.89
C VAL B 187 -7.72 -22.51 8.35
N TYR B 188 -6.76 -22.38 9.25
CA TYR B 188 -5.41 -22.01 8.85
C TYR B 188 -4.85 -23.01 7.85
N LYS B 189 -5.10 -24.28 8.11
CA LYS B 189 -4.49 -25.36 7.32
C LYS B 189 -5.06 -25.39 5.91
N LEU B 190 -6.35 -25.16 5.80
CA LEU B 190 -6.99 -25.07 4.50
C LEU B 190 -6.31 -23.99 3.66
N TYR B 191 -6.01 -22.87 4.29
CA TYR B 191 -5.43 -21.74 3.58
C TYR B 191 -4.02 -22.11 3.15
N GLU B 192 -3.27 -22.72 4.08
CA GLU B 192 -1.88 -23.14 3.80
C GLU B 192 -1.83 -24.06 2.61
N GLN B 193 -2.79 -24.94 2.56
CA GLN B 193 -2.83 -25.96 1.51
C GLN B 193 -3.15 -25.33 0.15
N LEU B 194 -4.09 -24.41 0.12
CA LEU B 194 -4.47 -23.76 -1.15
C LEU B 194 -3.28 -23.02 -1.76
N LEU B 195 -2.43 -22.53 -0.87
CA LEU B 195 -1.34 -21.66 -1.25
C LEU B 195 -0.11 -22.45 -1.64
N LEU B 196 0.19 -23.46 -0.84
CA LEU B 196 1.48 -24.11 -0.91
C LEU B 196 1.48 -25.57 -1.27
N SER B 197 0.31 -26.18 -1.36
CA SER B 197 0.27 -27.62 -1.65
C SER B 197 0.80 -27.84 -3.06
N GLU B 198 1.35 -29.02 -3.26
CA GLU B 198 2.01 -29.39 -4.51
C GLU B 198 1.00 -29.73 -5.59
N GLU B 199 -0.23 -29.96 -5.16
CA GLU B 199 -1.33 -30.31 -6.07
C GLU B 199 -1.48 -29.29 -7.20
N THR B 200 -2.32 -29.68 -8.15
CA THR B 200 -2.62 -28.83 -9.31
C THR B 200 -3.57 -27.74 -8.88
N LEU B 201 -3.65 -26.70 -9.70
CA LEU B 201 -4.53 -25.57 -9.40
C LEU B 201 -5.96 -26.04 -9.27
N GLU B 202 -6.39 -26.88 -10.21
CA GLU B 202 -7.76 -27.38 -10.24
C GLU B 202 -8.01 -28.21 -9.00
N GLN B 203 -7.01 -28.96 -8.59
CA GLN B 203 -7.12 -29.86 -7.43
C GLN B 203 -7.10 -29.05 -6.12
N ARG B 204 -6.31 -28.01 -6.09
CA ARG B 204 -6.18 -27.18 -4.89
C ARG B 204 -7.49 -26.50 -4.59
N ILE B 205 -8.19 -26.11 -5.63
CA ILE B 205 -9.46 -25.37 -5.50
C ILE B 205 -10.54 -26.34 -5.08
N HIS B 206 -10.46 -27.54 -5.62
CA HIS B 206 -11.43 -28.58 -5.28
C HIS B 206 -11.32 -28.89 -3.79
N LEU B 207 -10.11 -29.14 -3.37
CA LEU B 207 -9.82 -29.47 -1.97
C LEU B 207 -10.20 -28.34 -1.02
N ALA B 208 -10.01 -27.11 -1.47
CA ALA B 208 -10.36 -25.94 -0.67
C ALA B 208 -11.87 -25.83 -0.55
N LEU B 209 -12.57 -26.17 -1.62
CA LEU B 209 -14.04 -26.05 -1.64
C LEU B 209 -14.69 -27.11 -0.76
N ILE B 210 -14.03 -28.25 -0.63
CA ILE B 210 -14.54 -29.36 0.19
C ILE B 210 -14.45 -28.95 1.65
N GLY B 211 -13.31 -28.35 2.00
CA GLY B 211 -12.99 -28.00 3.37
C GLY B 211 -13.85 -26.85 3.83
N LEU B 212 -14.18 -26.01 2.87
CA LEU B 212 -14.91 -24.78 3.10
C LEU B 212 -16.36 -25.14 3.39
N GLU B 213 -16.91 -25.93 2.50
CA GLU B 213 -18.29 -26.43 2.63
C GLU B 213 -18.49 -27.06 4.00
N HIS B 214 -17.52 -27.84 4.43
CA HIS B 214 -17.59 -28.54 5.71
C HIS B 214 -17.57 -27.58 6.88
N LEU B 215 -16.68 -26.61 6.84
CA LEU B 215 -16.53 -25.64 7.95
C LEU B 215 -17.71 -24.68 7.95
N LEU B 216 -18.27 -24.48 6.77
CA LEU B 216 -19.41 -23.58 6.62
C LEU B 216 -20.60 -24.14 7.33
N GLN B 217 -20.64 -25.46 7.38
CA GLN B 217 -21.74 -26.20 8.03
C GLN B 217 -21.54 -26.04 9.52
N SER B 218 -20.29 -26.20 9.91
CA SER B 218 -19.91 -26.18 11.32
C SER B 218 -20.25 -24.86 11.98
N LYS B 219 -20.27 -23.81 11.18
CA LYS B 219 -20.37 -22.45 11.74
C LYS B 219 -21.71 -21.78 11.52
N VAL B 220 -22.68 -22.58 11.08
CA VAL B 220 -24.00 -22.05 10.71
C VAL B 220 -24.69 -21.30 11.85
N LEU B 221 -24.62 -21.87 13.03
CA LEU B 221 -25.26 -21.27 14.19
C LEU B 221 -24.62 -19.96 14.55
N SER B 222 -23.35 -19.84 14.24
CA SER B 222 -22.61 -18.61 14.55
C SER B 222 -23.10 -17.53 13.64
N GLY B 223 -23.37 -17.93 12.42
CA GLY B 223 -23.78 -17.03 11.37
C GLY B 223 -25.21 -16.57 11.53
N GLY B 224 -26.00 -17.40 12.21
CA GLY B 224 -27.45 -17.18 12.33
C GLY B 224 -27.94 -16.63 13.64
N LYS B 225 -27.13 -16.81 14.67
CA LYS B 225 -27.53 -16.45 16.04
C LYS B 225 -28.23 -15.07 16.12
N TYR B 226 -27.58 -14.07 15.56
CA TYR B 226 -28.09 -12.69 15.70
C TYR B 226 -29.45 -12.55 15.05
N LEU B 227 -29.58 -13.17 13.89
CA LEU B 227 -30.82 -13.12 13.13
C LEU B 227 -31.95 -13.83 13.89
N PHE B 228 -31.65 -15.00 14.42
CA PHE B 228 -32.65 -15.80 15.09
C PHE B 228 -33.15 -15.07 16.35
N GLU B 229 -32.22 -14.45 17.05
CA GLU B 229 -32.53 -13.76 18.29
C GLU B 229 -33.48 -12.59 17.98
N VAL B 230 -33.22 -11.89 16.89
CA VAL B 230 -34.09 -10.76 16.49
C VAL B 230 -35.48 -11.30 16.17
N MSE B 231 -35.50 -12.39 15.42
CA MSE B 231 -36.75 -12.95 14.92
C MSE B 231 -37.63 -13.46 16.05
O MSE B 231 -38.87 -13.36 16.00
CB MSE B 231 -36.48 -14.09 13.93
CG MSE B 231 -36.02 -13.60 12.59
SE MSE B 231 -35.65 -15.02 11.34
CE MSE B 231 -37.41 -15.57 10.77
N ARG B 232 -36.99 -14.02 17.08
CA ARG B 232 -37.73 -14.56 18.24
C ARG B 232 -38.36 -13.50 19.11
N GLU B 233 -38.09 -12.25 18.81
CA GLU B 233 -38.64 -11.15 19.61
C GLU B 233 -40.14 -11.07 19.42
N ARG B 234 -40.61 -11.88 18.49
CA ARG B 234 -42.04 -12.03 18.25
C ARG B 234 -42.39 -13.49 18.07
N ASP B 235 -43.62 -13.75 18.53
CA ASP B 235 -44.15 -15.09 18.73
C ASP B 235 -44.79 -15.67 17.50
N ARG B 236 -44.52 -15.03 16.38
CA ARG B 236 -45.11 -15.43 15.11
C ARG B 236 -44.20 -15.16 13.93
N PRO B 237 -44.52 -15.74 12.77
CA PRO B 237 -43.71 -15.59 11.58
C PRO B 237 -43.63 -14.18 11.04
N TRP B 238 -42.53 -13.96 10.33
CA TRP B 238 -42.25 -12.70 9.72
C TRP B 238 -42.43 -12.76 8.23
N THR B 239 -42.88 -11.66 7.64
CA THR B 239 -42.86 -11.55 6.16
C THR B 239 -41.48 -11.03 5.80
N MSE B 240 -41.06 -11.23 4.57
CA MSE B 240 -39.74 -10.78 4.14
C MSE B 240 -39.64 -9.28 4.28
O MSE B 240 -38.61 -8.75 4.70
CB MSE B 240 -39.45 -11.15 2.68
CG MSE B 240 -38.09 -10.63 2.15
SE MSE B 240 -36.53 -11.05 3.30
CE MSE B 240 -36.29 -12.92 3.09
N HIS B 241 -40.73 -8.59 3.94
CA HIS B 241 -40.72 -7.12 4.01
C HIS B 241 -40.57 -6.66 5.45
N GLU B 242 -41.16 -7.41 6.36
CA GLU B 242 -41.09 -7.07 7.78
C GLU B 242 -39.64 -7.20 8.27
N LEU B 243 -38.98 -8.25 7.81
CA LEU B 243 -37.58 -8.47 8.16
C LEU B 243 -36.72 -7.35 7.57
N MSE B 244 -36.99 -7.04 6.32
CA MSE B 244 -36.26 -6.02 5.60
C MSE B 244 -36.41 -4.65 6.21
O MSE B 244 -35.53 -3.82 6.08
CB MSE B 244 -36.67 -6.00 4.13
CG MSE B 244 -36.24 -7.22 3.39
SE MSE B 244 -34.34 -7.23 3.00
CE MSE B 244 -34.43 -5.80 1.76
N GLU B 245 -37.51 -4.44 6.93
CA GLU B 245 -37.88 -3.13 7.48
C GLU B 245 -37.50 -3.01 8.97
N GLU B 246 -37.08 -4.13 9.52
CA GLU B 246 -36.66 -4.19 10.91
C GLU B 246 -35.31 -3.46 11.14
N SER B 247 -35.32 -2.51 12.08
CA SER B 247 -34.13 -1.67 12.27
C SER B 247 -32.93 -2.47 12.70
N ARG B 248 -33.14 -3.45 13.56
CA ARG B 248 -32.01 -4.25 14.08
C ARG B 248 -31.37 -5.10 12.98
N LEU B 249 -32.05 -5.15 11.85
CA LEU B 249 -31.55 -5.97 10.73
C LEU B 249 -31.04 -5.12 9.57
N THR B 250 -31.08 -3.80 9.77
CA THR B 250 -30.72 -2.88 8.69
C THR B 250 -29.35 -3.20 8.07
N GLU B 251 -28.39 -3.55 8.89
CA GLU B 251 -27.03 -3.83 8.35
C GLU B 251 -26.96 -5.14 7.56
N LEU B 252 -28.02 -5.94 7.65
CA LEU B 252 -28.04 -7.25 7.00
C LEU B 252 -28.93 -7.27 5.76
N LYS B 253 -29.59 -6.16 5.48
CA LYS B 253 -30.55 -6.14 4.37
C LYS B 253 -30.01 -6.78 3.11
N VAL B 254 -28.76 -6.48 2.78
CA VAL B 254 -28.20 -6.92 1.50
C VAL B 254 -28.09 -8.44 1.41
N ASP B 255 -27.99 -9.05 2.57
CA ASP B 255 -27.71 -10.48 2.69
C ASP B 255 -28.86 -11.30 3.25
N LEU B 256 -29.89 -10.64 3.73
CA LEU B 256 -31.02 -11.33 4.38
C LEU B 256 -31.57 -12.46 3.55
N GLY B 257 -31.79 -12.17 2.28
CA GLY B 257 -32.44 -13.11 1.39
C GLY B 257 -31.66 -14.39 1.23
N SER B 258 -30.37 -14.22 1.00
CA SER B 258 -29.45 -15.38 0.83
C SER B 258 -29.26 -16.13 2.12
N LEU B 259 -29.19 -15.41 3.23
CA LEU B 259 -29.05 -16.06 4.53
C LEU B 259 -30.28 -16.86 4.86
N VAL B 260 -31.45 -16.25 4.66
CA VAL B 260 -32.71 -16.92 5.01
C VAL B 260 -32.84 -18.19 4.19
N ASP B 261 -32.47 -18.08 2.93
CA ASP B 261 -32.53 -19.23 2.03
C ASP B 261 -31.65 -20.37 2.57
N PHE B 262 -30.45 -19.99 2.98
CA PHE B 262 -29.50 -20.98 3.44
C PHE B 262 -30.02 -21.64 4.72
N PHE B 263 -30.53 -20.81 5.62
CA PHE B 263 -30.99 -21.28 6.92
C PHE B 263 -32.25 -22.16 6.82
N ILE B 264 -33.06 -21.91 5.80
CA ILE B 264 -34.24 -22.73 5.55
C ILE B 264 -33.72 -24.09 5.14
N ARG B 265 -32.76 -24.08 4.23
CA ARG B 265 -32.22 -25.35 3.70
C ARG B 265 -31.55 -26.21 4.77
N LYS B 266 -31.12 -25.56 5.84
CA LYS B 266 -30.42 -26.21 6.95
C LYS B 266 -31.38 -26.53 8.06
N GLY B 267 -32.65 -26.22 7.81
CA GLY B 267 -33.72 -26.54 8.76
C GLY B 267 -33.74 -25.66 10.00
N LEU B 268 -33.13 -24.49 9.89
CA LEU B 268 -33.05 -23.54 11.02
C LEU B 268 -34.15 -22.49 10.97
N ILE B 269 -34.69 -22.34 9.78
CA ILE B 269 -35.81 -21.45 9.51
C ILE B 269 -36.90 -22.23 8.79
N ARG B 270 -38.14 -21.93 9.18
CA ARG B 270 -39.32 -22.52 8.59
C ARG B 270 -40.06 -21.55 7.68
N ILE B 271 -40.25 -21.99 6.46
CA ILE B 271 -40.98 -21.19 5.45
C ILE B 271 -42.42 -21.66 5.35
N SER B 272 -43.32 -20.69 5.37
CA SER B 272 -44.75 -20.95 5.21
C SER B 272 -45.39 -19.91 4.34
N TYR B 273 -46.68 -20.04 4.18
CA TYR B 273 -47.41 -19.14 3.28
C TYR B 273 -48.72 -18.77 3.90
N GLN B 274 -48.95 -17.45 4.03
CA GLN B 274 -50.17 -16.93 4.64
CA GLN B 274 -50.17 -16.94 4.64
C GLN B 274 -51.02 -16.16 3.65
N ARG B 275 -52.17 -16.71 3.34
CA ARG B 275 -53.07 -16.04 2.40
C ARG B 275 -53.89 -14.98 3.13
N THR B 276 -53.94 -13.82 2.51
CA THR B 276 -54.73 -12.70 3.03
C THR B 276 -56.21 -12.93 2.85
N LYS B 277 -56.93 -12.72 3.96
CA LYS B 277 -58.36 -12.90 3.99
C LYS B 277 -59.01 -12.03 2.94
N GLY B 278 -59.80 -12.70 2.10
CA GLY B 278 -60.57 -12.06 1.05
C GLY B 278 -59.81 -11.91 -0.26
N LEU B 279 -58.55 -12.32 -0.24
CA LEU B 279 -57.66 -12.16 -1.41
C LEU B 279 -56.98 -13.44 -1.80
N GLY B 280 -56.38 -13.42 -2.98
CA GLY B 280 -55.71 -14.62 -3.54
C GLY B 280 -54.24 -14.73 -3.25
N VAL B 281 -53.62 -13.57 -3.09
CA VAL B 281 -52.19 -13.48 -2.82
C VAL B 281 -51.82 -13.98 -1.43
N GLU B 282 -50.75 -14.76 -1.38
CA GLU B 282 -50.15 -15.19 -0.13
C GLU B 282 -48.83 -14.46 0.13
N LEU B 283 -48.58 -14.19 1.41
CA LEU B 283 -47.29 -13.66 1.82
C LEU B 283 -46.48 -14.81 2.33
N VAL B 284 -45.21 -14.85 1.92
CA VAL B 284 -44.29 -15.90 2.38
C VAL B 284 -43.87 -15.48 3.77
N THR B 285 -43.89 -16.42 4.70
CA THR B 285 -43.54 -16.10 6.07
C THR B 285 -42.40 -16.98 6.54
N TYR B 286 -41.66 -16.45 7.51
CA TYR B 286 -40.44 -17.10 7.98
C TYR B 286 -40.41 -17.12 9.47
N GLU B 287 -40.01 -18.25 10.02
CA GLU B 287 -39.92 -18.41 11.47
C GLU B 287 -38.74 -19.25 11.89
N PRO B 288 -38.02 -18.81 12.93
CA PRO B 288 -36.92 -19.62 13.45
C PRO B 288 -37.42 -20.90 14.04
N VAL B 289 -36.69 -21.97 13.81
CA VAL B 289 -37.04 -23.28 14.34
C VAL B 289 -36.24 -23.49 15.63
N GLY C 1 62.65 13.19 -19.84
CA GLY C 1 63.91 13.58 -19.17
C GLY C 1 63.81 13.25 -17.70
N MSE C 2 62.58 12.99 -17.21
CA MSE C 2 62.36 12.73 -15.76
C MSE C 2 63.09 11.49 -15.28
O MSE C 2 63.58 11.44 -14.16
CB MSE C 2 60.89 12.61 -15.39
CG MSE C 2 60.21 13.93 -15.41
SE MSE C 2 58.37 13.80 -14.84
CE MSE C 2 57.55 12.69 -16.24
N GLU C 3 63.22 10.53 -16.18
CA GLU C 3 63.92 9.31 -15.86
C GLU C 3 65.37 9.61 -15.54
N GLN C 4 66.02 10.37 -16.41
CA GLN C 4 67.47 10.61 -16.24
C GLN C 4 67.69 11.58 -15.13
N ALA C 5 66.75 12.49 -15.00
CA ALA C 5 66.87 13.57 -13.99
C ALA C 5 66.60 13.10 -12.58
N THR C 6 65.94 11.94 -12.46
CA THR C 6 65.64 11.38 -11.10
C THR C 6 66.33 10.04 -10.81
N ARG C 7 67.12 9.60 -11.76
CA ARG C 7 67.71 8.27 -11.68
C ARG C 7 68.45 8.06 -10.35
N THR C 8 69.19 9.07 -9.94
CA THR C 8 70.08 8.94 -8.77
C THR C 8 69.24 8.70 -7.53
N ILE C 9 68.00 9.13 -7.59
CA ILE C 9 67.04 9.01 -6.48
C ILE C 9 66.25 7.69 -6.53
N TYR C 10 65.74 7.32 -7.71
CA TYR C 10 64.81 6.18 -7.79
C TYR C 10 65.50 4.83 -7.92
N SER C 11 66.71 4.88 -8.38
CA SER C 11 67.44 3.67 -8.78
CA SER C 11 67.37 3.65 -8.79
C SER C 11 67.41 2.59 -7.72
N GLU C 12 67.63 3.00 -6.49
CA GLU C 12 67.73 2.02 -5.40
C GLU C 12 66.38 1.40 -5.03
N TYR C 13 65.30 2.11 -5.36
CA TYR C 13 63.92 1.58 -5.21
C TYR C 13 63.66 0.54 -6.27
N ALA C 14 64.11 0.82 -7.47
CA ALA C 14 63.97 -0.12 -8.56
C ALA C 14 64.73 -1.39 -8.23
N ALA C 15 65.79 -1.24 -7.43
CA ALA C 15 66.68 -2.38 -7.13
C ALA C 15 66.09 -3.24 -6.05
N TYR C 16 65.27 -2.66 -5.17
CA TYR C 16 64.72 -3.42 -4.04
C TYR C 16 63.69 -4.37 -4.62
N PRO C 17 63.76 -5.66 -4.26
CA PRO C 17 62.95 -6.60 -5.04
C PRO C 17 61.46 -6.46 -4.84
N GLU C 18 61.07 -5.84 -3.74
CA GLU C 18 59.65 -5.71 -3.38
C GLU C 18 58.97 -4.56 -4.08
N THR C 19 59.75 -3.80 -4.83
CA THR C 19 59.19 -2.67 -5.60
C THR C 19 58.46 -3.14 -6.86
N GLN C 20 57.23 -2.66 -7.03
CA GLN C 20 56.34 -3.13 -8.09
C GLN C 20 56.26 -2.11 -9.21
N GLY C 21 56.32 -0.84 -8.84
CA GLY C 21 56.28 0.24 -9.81
C GLY C 21 56.82 1.57 -9.36
N ILE C 22 57.21 2.36 -10.36
CA ILE C 22 57.64 3.78 -10.15
C ILE C 22 57.07 4.61 -11.24
N ILE C 23 56.27 5.58 -10.85
CA ILE C 23 55.60 6.52 -11.75
C ILE C 23 56.17 7.89 -11.54
N ALA C 24 56.39 8.64 -12.62
CA ALA C 24 56.82 10.02 -12.50
C ALA C 24 55.76 10.98 -13.03
N VAL C 25 55.54 12.05 -12.26
CA VAL C 25 54.57 13.07 -12.63
C VAL C 25 55.21 14.45 -12.57
N GLU C 26 55.14 15.18 -13.67
CA GLU C 26 55.69 16.54 -13.74
C GLU C 26 54.69 17.59 -13.29
N LYS C 27 55.18 18.63 -12.64
CA LYS C 27 54.24 19.72 -12.22
C LYS C 27 53.63 20.30 -13.48
N ARG C 28 52.37 20.69 -13.41
CA ARG C 28 51.71 21.25 -14.61
C ARG C 28 51.81 22.77 -14.60
N GLN C 29 52.19 23.27 -13.44
CA GLN C 29 52.28 24.71 -13.21
C GLN C 29 53.03 24.96 -11.93
N PRO C 30 53.37 26.22 -11.65
CA PRO C 30 54.04 26.50 -10.39
C PRO C 30 53.15 26.22 -9.20
N ARG C 31 53.76 25.70 -8.15
CA ARG C 31 53.03 25.41 -6.92
C ARG C 31 51.82 24.52 -7.19
N ASP C 32 52.06 23.47 -7.95
CA ASP C 32 51.04 22.50 -8.30
C ASP C 32 50.81 21.52 -7.15
N SER C 33 49.58 21.47 -6.66
CA SER C 33 49.27 20.58 -5.52
C SER C 33 49.40 19.13 -5.99
N LEU C 34 49.29 18.94 -7.29
CA LEU C 34 49.34 17.60 -7.87
C LEU C 34 50.68 16.93 -7.53
N THR C 35 51.73 17.76 -7.47
CA THR C 35 53.08 17.29 -7.28
C THR C 35 53.64 17.86 -6.01
N ASP C 36 52.75 18.17 -5.08
CA ASP C 36 53.15 18.59 -3.71
C ASP C 36 53.88 19.92 -3.70
N GLN C 37 53.64 20.72 -4.74
CA GLN C 37 54.33 21.99 -4.94
C GLN C 37 55.81 21.77 -5.25
N PHE C 38 56.17 20.57 -5.65
CA PHE C 38 57.52 20.25 -6.10
C PHE C 38 57.51 20.16 -7.61
N ASP C 39 58.67 19.88 -8.20
CA ASP C 39 58.82 19.90 -9.67
C ASP C 39 58.38 18.61 -10.29
N VAL C 40 58.74 17.56 -9.57
CA VAL C 40 58.45 16.19 -9.96
C VAL C 40 58.04 15.37 -8.75
N LEU C 41 56.98 14.58 -8.92
CA LEU C 41 56.51 13.64 -7.91
C LEU C 41 56.78 12.20 -8.35
N LEU C 42 57.49 11.44 -7.51
CA LEU C 42 57.66 10.03 -7.75
C LEU C 42 56.75 9.24 -6.86
N LEU C 43 56.02 8.33 -7.49
CA LEU C 43 55.19 7.40 -6.77
C LEU C 43 55.84 6.06 -6.86
N VAL C 44 56.25 5.57 -5.71
CA VAL C 44 56.87 4.26 -5.64
C VAL C 44 55.91 3.30 -4.94
N ILE C 45 55.46 2.28 -5.68
CA ILE C 45 54.55 1.26 -5.13
CA ILE C 45 54.55 1.26 -5.13
C ILE C 45 55.36 0.06 -4.74
N THR C 46 55.18 -0.36 -3.51
CA THR C 46 56.03 -1.42 -2.95
C THR C 46 55.24 -2.46 -2.14
N ARG C 47 55.85 -3.64 -1.96
CA ARG C 47 55.32 -4.68 -1.08
C ARG C 47 56.15 -4.77 0.20
N ASP C 48 56.95 -3.74 0.41
CA ASP C 48 57.73 -3.60 1.65
C ASP C 48 56.74 -3.67 2.81
N PRO C 49 56.88 -4.66 3.68
CA PRO C 49 55.87 -4.84 4.70
C PRO C 49 55.86 -3.77 5.78
N SER C 50 56.95 -3.01 5.91
CA SER C 50 57.03 -1.99 6.96
C SER C 50 56.31 -0.73 6.52
N VAL C 51 55.85 -0.73 5.30
CA VAL C 51 55.27 0.48 4.67
C VAL C 51 53.78 0.46 4.49
N GLU C 52 53.21 1.60 4.81
CA GLU C 52 51.81 1.88 4.54
CA GLU C 52 51.83 1.90 4.55
C GLU C 52 51.80 2.97 3.49
N TRP C 53 52.13 4.15 3.95
CA TRP C 53 52.27 5.33 3.05
C TRP C 53 53.20 6.32 3.76
N THR C 54 54.23 6.74 3.04
CA THR C 54 55.18 7.74 3.56
C THR C 54 55.74 8.63 2.47
N VAL C 55 56.38 9.71 2.88
CA VAL C 55 56.87 10.73 1.93
C VAL C 55 58.31 11.13 2.25
N LYS C 56 59.06 11.35 1.18
CA LYS C 56 60.43 11.85 1.24
C LYS C 56 60.58 13.06 0.32
N HIS C 57 61.40 14.02 0.73
CA HIS C 57 61.61 15.25 -0.08
C HIS C 57 63.06 15.50 -0.44
N TYR C 58 63.33 15.64 -1.73
CA TYR C 58 64.70 15.90 -2.21
C TYR C 58 64.83 17.06 -3.15
N ARG C 59 66.07 17.49 -3.33
CA ARG C 59 66.42 18.36 -4.48
C ARG C 59 67.66 17.76 -5.11
N LEU C 60 67.64 17.65 -6.44
CA LEU C 60 68.79 17.07 -7.16
C LEU C 60 69.12 18.02 -8.28
N ASN C 61 70.16 18.80 -8.09
CA ASN C 61 70.61 19.77 -9.12
C ASN C 61 69.50 20.68 -9.59
N THR C 62 68.95 21.39 -8.62
CA THR C 62 67.86 22.34 -8.79
C THR C 62 66.48 21.73 -8.90
N LEU C 63 66.43 20.43 -9.22
CA LEU C 63 65.15 19.74 -9.38
C LEU C 63 64.59 19.27 -8.03
N ARG C 64 63.45 19.81 -7.65
CA ARG C 64 62.78 19.45 -6.40
C ARG C 64 61.86 18.27 -6.60
N VAL C 65 62.12 17.19 -5.88
CA VAL C 65 61.45 15.89 -6.06
C VAL C 65 60.78 15.43 -4.78
N SER C 66 59.49 15.14 -4.90
CA SER C 66 58.72 14.59 -3.80
C SER C 66 58.44 13.14 -4.11
N LEU C 67 58.75 12.27 -3.16
CA LEU C 67 58.59 10.82 -3.39
C LEU C 67 57.57 10.29 -2.40
N HIS C 68 56.52 9.70 -2.97
CA HIS C 68 55.47 9.04 -2.19
C HIS C 68 55.65 7.55 -2.29
N LEU C 69 55.86 6.93 -1.14
CA LEU C 69 56.09 5.47 -1.06
C LEU C 69 54.82 4.86 -0.44
N VAL C 70 54.17 4.02 -1.24
CA VAL C 70 52.86 3.45 -0.89
CA VAL C 70 52.87 3.46 -0.87
C VAL C 70 52.85 1.95 -1.04
N HIS C 71 52.30 1.27 -0.04
CA HIS C 71 52.16 -0.19 -0.15
C HIS C 71 51.09 -0.49 -1.23
N GLU C 72 51.33 -1.57 -1.95
CA GLU C 72 50.44 -1.98 -3.06
C GLU C 72 48.98 -2.12 -2.57
N GLN C 73 48.82 -2.54 -1.33
CA GLN C 73 47.51 -2.86 -0.78
C GLN C 73 46.82 -1.61 -0.38
N VAL C 74 47.60 -0.60 -0.01
CA VAL C 74 47.05 0.71 0.38
C VAL C 74 46.56 1.42 -0.86
N LEU C 75 47.36 1.34 -1.92
CA LEU C 75 46.99 1.93 -3.19
C LEU C 75 45.72 1.25 -3.76
N SER C 76 45.77 -0.07 -3.73
CA SER C 76 44.64 -0.89 -4.21
C SER C 76 43.35 -0.44 -3.55
N ARG C 77 43.43 -0.28 -2.25
CA ARG C 77 42.26 0.10 -1.47
C ARG C 77 41.77 1.48 -1.82
N TRP C 78 42.69 2.41 -2.00
CA TRP C 78 42.33 3.78 -2.39
C TRP C 78 41.59 3.77 -3.71
N LEU C 79 42.04 2.89 -4.60
CA LEU C 79 41.49 2.85 -5.96
C LEU C 79 40.14 2.17 -5.96
N ILE C 80 40.03 1.16 -5.13
CA ILE C 80 38.78 0.40 -5.02
C ILE C 80 37.68 1.27 -4.47
N LEU C 81 38.06 2.17 -3.58
CA LEU C 81 37.09 3.00 -2.85
C LEU C 81 36.96 4.39 -3.44
N ASN C 82 37.74 4.65 -4.47
CA ASN C 82 37.94 6.01 -4.98
C ASN C 82 38.15 7.00 -3.85
N ALA C 83 39.13 6.72 -3.01
CA ALA C 83 39.40 7.46 -1.80
C ALA C 83 40.59 8.39 -1.98
N ASN C 84 41.12 8.42 -3.19
CA ASN C 84 42.30 9.29 -3.46
C ASN C 84 42.39 9.71 -4.92
N ARG C 85 41.75 10.83 -5.22
CA ARG C 85 41.66 11.34 -6.59
C ARG C 85 43.02 11.67 -7.18
N ARG C 86 43.91 12.18 -6.34
CA ARG C 86 45.22 12.55 -6.81
C ARG C 86 45.99 11.29 -7.23
N ALA C 87 45.90 10.22 -6.42
CA ALA C 87 46.64 8.97 -6.74
C ALA C 87 46.17 8.36 -8.06
N VAL C 88 44.90 8.58 -8.39
CA VAL C 88 44.32 8.08 -9.63
C VAL C 88 44.90 8.87 -10.81
N HIS C 89 45.06 10.16 -10.60
CA HIS C 89 45.59 11.03 -11.64
C HIS C 89 47.04 10.64 -11.91
N TRP C 90 47.74 10.28 -10.84
CA TRP C 90 49.15 9.93 -10.94
C TRP C 90 49.36 8.67 -11.76
N VAL C 91 48.55 7.66 -11.46
CA VAL C 91 48.67 6.38 -12.19
C VAL C 91 48.28 6.54 -13.63
N SER C 92 47.17 7.24 -13.85
CA SER C 92 46.63 7.34 -15.19
C SER C 92 47.51 8.20 -16.09
N GLU C 93 47.99 9.32 -15.55
CA GLU C 93 48.71 10.29 -16.36
C GLU C 93 50.21 10.22 -16.23
N GLY C 94 50.66 9.61 -15.16
CA GLY C 94 52.10 9.50 -14.92
C GLY C 94 52.87 8.63 -15.90
N THR C 95 54.17 8.86 -15.90
CA THR C 95 55.10 8.12 -16.74
C THR C 95 55.70 6.97 -16.00
N ILE C 96 55.59 5.78 -16.59
CA ILE C 96 56.19 4.57 -16.00
C ILE C 96 57.70 4.61 -16.12
N ILE C 97 58.36 4.61 -14.98
CA ILE C 97 59.83 4.68 -14.91
C ILE C 97 60.38 3.30 -14.73
N PHE C 98 59.61 2.49 -14.04
CA PHE C 98 59.97 1.15 -13.67
C PHE C 98 58.77 0.35 -13.22
N GLU C 99 58.75 -0.92 -13.60
CA GLU C 99 57.73 -1.83 -13.05
C GLU C 99 58.18 -3.27 -13.09
N ARG C 100 57.61 -4.03 -12.17
CA ARG C 100 57.71 -5.49 -12.19
C ARG C 100 56.35 -6.09 -12.55
N ASN C 101 56.42 -7.15 -13.35
CA ASN C 101 55.23 -7.96 -13.64
C ASN C 101 54.10 -7.14 -14.18
N ASP C 102 54.45 -6.18 -15.03
CA ASP C 102 53.46 -5.33 -15.72
C ASP C 102 52.48 -4.68 -14.77
N TYR C 103 52.91 -4.49 -13.52
CA TYR C 103 52.05 -3.92 -12.50
C TYR C 103 51.42 -2.61 -12.92
N LEU C 104 52.21 -1.70 -13.45
CA LEU C 104 51.74 -0.36 -13.72
C LEU C 104 51.06 -0.29 -15.08
N THR C 105 51.51 -1.14 -15.97
CA THR C 105 50.92 -1.23 -17.32
C THR C 105 49.49 -1.72 -17.23
N ASP C 106 49.30 -2.68 -16.34
CA ASP C 106 48.01 -3.34 -16.17
C ASP C 106 47.07 -2.44 -15.39
N LEU C 107 47.64 -1.74 -14.41
CA LEU C 107 46.87 -0.85 -13.52
C LEU C 107 46.31 0.29 -14.32
N LYS C 108 47.06 0.73 -15.31
CA LYS C 108 46.61 1.81 -16.18
C LYS C 108 45.38 1.36 -16.99
N LYS C 109 45.41 0.11 -17.44
CA LYS C 109 44.32 -0.44 -18.26
C LYS C 109 43.10 -0.63 -17.37
N GLN C 110 43.33 -1.12 -16.17
CA GLN C 110 42.24 -1.41 -15.24
C GLN C 110 41.55 -0.12 -14.86
N LEU C 111 42.27 1.00 -14.88
CA LEU C 111 41.70 2.26 -14.37
C LEU C 111 40.63 2.82 -15.28
N ARG C 112 40.60 2.34 -16.51
CA ARG C 112 39.67 2.87 -17.50
C ARG C 112 38.32 2.20 -17.41
N ASN C 113 38.23 1.35 -16.40
CA ASN C 113 37.03 0.58 -16.15
CA ASN C 113 37.04 0.57 -16.14
C ASN C 113 36.63 0.69 -14.70
N PHE C 114 35.33 0.66 -14.48
CA PHE C 114 34.76 0.76 -13.14
C PHE C 114 34.09 -0.56 -12.84
N PRO C 115 34.83 -1.50 -12.26
CA PRO C 115 34.26 -2.80 -11.89
C PRO C 115 33.01 -2.68 -11.02
N GLU C 116 32.06 -3.55 -11.31
CA GLU C 116 30.79 -3.57 -10.62
C GLU C 116 30.95 -3.74 -9.14
N THR C 117 31.84 -4.64 -8.73
CA THR C 117 31.97 -4.90 -7.29
C THR C 117 32.44 -3.66 -6.57
N GLU C 118 33.27 -2.86 -7.24
CA GLU C 118 33.82 -1.63 -6.65
C GLU C 118 32.73 -0.57 -6.59
N ARG C 119 31.95 -0.50 -7.64
CA ARG C 119 30.88 0.49 -7.71
C ARG C 119 29.83 0.19 -6.62
N CYS C 120 29.51 -1.09 -6.47
CA CYS C 120 28.47 -1.50 -5.54
C CYS C 120 28.89 -1.31 -4.10
N LEU C 121 30.16 -1.54 -3.85
CA LEU C 121 30.73 -1.34 -2.51
C LEU C 121 30.63 0.15 -2.18
N GLN C 122 30.95 0.98 -3.17
CA GLN C 122 30.95 2.43 -2.96
C GLN C 122 29.54 2.94 -2.71
N MSE C 123 28.56 2.27 -3.33
CA MSE C 123 27.15 2.64 -3.17
C MSE C 123 26.64 2.27 -1.79
O MSE C 123 25.90 3.00 -1.18
CB MSE C 123 26.28 1.97 -4.21
CG MSE C 123 26.51 2.51 -5.59
SE MSE C 123 25.11 2.10 -6.84
CE MSE C 123 25.50 0.31 -7.27
N SER C 124 27.10 1.13 -1.29
CA SER C 124 26.75 0.69 0.08
C SER C 124 27.30 1.68 1.11
N LEU C 125 28.53 2.10 0.85
CA LEU C 125 29.26 2.98 1.78
C LEU C 125 28.60 4.35 1.80
N SER C 126 28.13 4.76 0.62
CA SER C 126 27.51 6.06 0.47
C SER C 126 26.09 6.06 1.06
N PHE C 127 25.40 4.98 0.82
CA PHE C 127 24.06 4.79 1.37
C PHE C 127 24.13 4.79 2.88
N ALA C 128 25.13 4.12 3.43
CA ALA C 128 25.29 4.02 4.87
C ALA C 128 25.46 5.38 5.54
N LYS C 129 26.20 6.25 4.87
CA LYS C 129 26.46 7.59 5.42
C LYS C 129 25.23 8.47 5.21
N LEU C 130 24.53 8.26 4.11
CA LEU C 130 23.27 8.99 3.88
C LEU C 130 22.29 8.67 5.03
N LEU C 131 22.14 7.39 5.29
CA LEU C 131 21.24 6.90 6.34
C LEU C 131 21.55 7.49 7.71
N ARG C 132 22.81 7.49 8.06
CA ARG C 132 23.28 7.96 9.37
C ARG C 132 23.07 9.45 9.52
N ARG C 133 23.43 10.17 8.46
CA ARG C 133 23.32 11.64 8.50
C ARG C 133 21.86 12.00 8.50
N PHE C 134 21.05 11.22 7.79
CA PHE C 134 19.59 11.48 7.75
C PHE C 134 18.99 11.26 9.13
N GLN C 135 19.40 10.20 9.79
CA GLN C 135 18.85 9.88 11.10
C GLN C 135 19.25 10.92 12.11
N ASP C 136 20.50 11.35 12.03
CA ASP C 136 21.02 12.37 12.95
C ASP C 136 20.31 13.70 12.75
N GLY C 137 20.03 14.02 11.50
CA GLY C 137 19.44 15.30 11.15
C GLY C 137 18.02 15.37 11.64
N ARG C 138 17.35 14.26 11.53
CA ARG C 138 15.93 14.15 11.90
C ARG C 138 15.76 14.24 13.40
N ASN C 139 16.70 13.62 14.09
CA ASN C 139 16.69 13.58 15.54
C ASN C 139 16.98 14.94 16.09
N LEU C 140 18.05 15.54 15.61
CA LEU C 140 18.41 16.89 16.02
C LEU C 140 17.25 17.85 15.72
N PHE C 141 16.68 17.68 14.55
CA PHE C 141 15.55 18.57 14.17
C PHE C 141 14.39 18.46 15.18
N SER C 142 14.13 17.24 15.59
CA SER C 142 13.00 16.95 16.48
CA SER C 142 13.00 16.94 16.49
C SER C 142 13.25 17.46 17.89
N ARG C 143 14.52 17.66 18.20
CA ARG C 143 14.95 18.10 19.52
C ARG C 143 15.09 19.59 19.55
N GLY C 144 14.94 20.20 18.39
CA GLY C 144 14.92 21.67 18.28
C GLY C 144 16.25 22.32 17.94
N ASN C 145 17.24 21.47 17.72
CA ASN C 145 18.60 21.91 17.37
C ASN C 145 18.72 22.15 15.87
N TYR C 146 18.27 23.30 15.43
CA TYR C 146 18.10 23.56 13.98
C TYR C 146 19.41 23.84 13.26
N TYR C 147 20.31 24.53 13.94
CA TYR C 147 21.61 24.88 13.35
C TYR C 147 22.46 23.64 13.14
N ASP C 148 22.31 22.71 14.06
CA ASP C 148 23.10 21.51 14.01
C ASP C 148 22.41 20.51 13.10
N ALA C 149 21.08 20.54 13.10
CA ALA C 149 20.29 19.68 12.21
C ALA C 149 20.71 19.94 10.76
N TYR C 150 20.93 21.21 10.47
CA TYR C 150 21.26 21.68 9.12
C TYR C 150 22.54 21.00 8.63
N THR C 151 23.49 20.87 9.54
CA THR C 151 24.77 20.26 9.19
C THR C 151 24.53 18.91 8.57
N HIS C 152 23.75 18.11 9.29
CA HIS C 152 23.54 16.70 8.94
C HIS C 152 22.68 16.51 7.72
N VAL C 153 21.67 17.37 7.58
CA VAL C 153 20.77 17.34 6.42
C VAL C 153 21.56 17.69 5.17
N HIS C 154 22.43 18.67 5.31
CA HIS C 154 23.30 19.10 4.23
C HIS C 154 24.29 17.98 3.82
N HIS C 155 24.92 17.35 4.80
CA HIS C 155 25.79 16.20 4.51
C HIS C 155 25.02 15.12 3.80
N ALA C 156 23.89 14.76 4.38
CA ALA C 156 23.03 13.71 3.83
C ALA C 156 22.76 13.97 2.37
N LEU C 157 22.46 15.22 2.04
CA LEU C 157 22.09 15.54 0.65
C LEU C 157 23.31 15.31 -0.24
N HIS C 158 24.47 15.63 0.27
CA HIS C 158 25.73 15.44 -0.48
C HIS C 158 25.97 13.95 -0.76
N HIS C 159 25.64 13.10 0.21
CA HIS C 159 25.85 11.63 0.07
C HIS C 159 24.88 11.07 -0.96
N LEU C 160 23.68 11.59 -0.92
CA LEU C 160 22.65 11.19 -1.86
C LEU C 160 23.05 11.55 -3.28
N ALA C 161 23.66 12.72 -3.41
CA ALA C 161 24.13 13.25 -4.71
C ALA C 161 25.17 12.29 -5.30
N ARG C 162 26.09 11.93 -4.43
CA ARG C 162 27.18 11.01 -4.80
C ARG C 162 26.65 9.64 -5.16
N LEU C 163 25.63 9.20 -4.43
CA LEU C 163 25.05 7.87 -4.61
C LEU C 163 24.33 7.82 -5.95
N SER C 164 23.70 8.93 -6.27
CA SER C 164 22.97 9.07 -7.54
C SER C 164 23.90 8.96 -8.75
N VAL C 165 25.05 9.58 -8.61
CA VAL C 165 26.07 9.60 -9.66
C VAL C 165 26.63 8.20 -9.81
N LEU C 166 26.88 7.55 -8.68
CA LEU C 166 27.33 6.17 -8.66
C LEU C 166 26.32 5.23 -9.34
N GLU C 167 25.05 5.48 -9.09
CA GLU C 167 23.98 4.66 -9.66
C GLU C 167 24.02 4.68 -11.19
N LYS C 168 24.45 5.82 -11.72
CA LYS C 168 24.48 6.02 -13.18
C LYS C 168 25.78 5.47 -13.79
N GLY C 169 26.65 5.00 -12.91
CA GLY C 169 27.85 4.24 -13.33
C GLY C 169 29.10 5.08 -13.43
N ALA C 170 29.01 6.26 -12.84
CA ALA C 170 30.09 7.20 -12.86
C ALA C 170 30.73 7.40 -11.49
N HIS C 171 32.00 7.79 -11.52
CA HIS C 171 32.71 8.16 -10.31
C HIS C 171 32.31 9.59 -9.91
N PRO C 172 31.83 9.80 -8.68
CA PRO C 172 31.59 11.16 -8.22
C PRO C 172 32.85 11.99 -8.23
N GLU C 173 32.71 13.24 -8.67
CA GLU C 173 33.82 14.20 -8.71
C GLU C 173 33.74 15.18 -7.57
N VAL C 174 34.71 16.09 -7.53
CA VAL C 174 34.77 17.09 -6.46
C VAL C 174 33.59 18.04 -6.61
N VAL C 175 33.18 18.20 -7.87
CA VAL C 175 32.08 19.10 -8.25
C VAL C 175 30.85 18.27 -8.49
N VAL C 176 30.30 17.78 -7.40
CA VAL C 176 29.23 16.81 -7.45
C VAL C 176 27.89 17.41 -7.80
N TRP C 177 27.67 18.65 -7.41
CA TRP C 177 26.35 19.31 -7.64
C TRP C 177 26.10 19.68 -9.07
N GLU C 178 27.17 19.67 -9.84
CA GLU C 178 27.06 19.99 -11.26
C GLU C 178 26.82 18.68 -11.99
N GLN C 179 27.42 17.61 -11.48
CA GLN C 179 27.16 16.26 -11.98
C GLN C 179 25.73 15.91 -11.67
N ALA C 180 25.41 16.10 -10.40
CA ALA C 180 24.07 15.76 -9.90
C ALA C 180 22.95 16.59 -10.51
N ARG C 181 23.29 17.73 -11.10
CA ARG C 181 22.24 18.61 -11.65
C ARG C 181 21.47 17.89 -12.74
N LEU C 182 22.10 16.84 -13.25
CA LEU C 182 21.55 16.06 -14.38
C LEU C 182 21.37 14.58 -14.05
N ASP C 183 22.37 14.02 -13.40
CA ASP C 183 22.33 12.59 -12.96
C ASP C 183 21.18 12.32 -11.99
N ASP C 184 20.62 13.41 -11.46
CA ASP C 184 19.43 13.36 -10.57
C ASP C 184 18.87 14.76 -10.21
N PRO C 185 18.03 15.32 -11.08
CA PRO C 185 17.41 16.62 -10.91
C PRO C 185 16.62 16.72 -9.63
N ASP C 186 16.15 15.58 -9.17
CA ASP C 186 15.30 15.53 -7.98
C ASP C 186 16.10 15.83 -6.72
N VAL C 187 17.34 15.40 -6.72
CA VAL C 187 18.22 15.58 -5.56
C VAL C 187 18.72 17.02 -5.59
N TYR C 188 19.01 17.49 -6.79
CA TYR C 188 19.55 18.82 -6.98
C TYR C 188 18.51 19.81 -6.50
N LYS C 189 17.25 19.55 -6.81
CA LYS C 189 16.14 20.45 -6.42
C LYS C 189 16.02 20.59 -4.91
N LEU C 190 16.17 19.46 -4.23
CA LEU C 190 16.11 19.44 -2.76
C LEU C 190 17.16 20.33 -2.19
N TYR C 191 18.33 20.18 -2.76
CA TYR C 191 19.49 20.93 -2.33
C TYR C 191 19.28 22.40 -2.59
N GLU C 192 18.90 22.68 -3.82
CA GLU C 192 18.73 24.06 -4.27
C GLU C 192 17.68 24.79 -3.42
N GLN C 193 16.65 24.05 -3.00
CA GLN C 193 15.56 24.64 -2.20
C GLN C 193 16.02 24.93 -0.79
N LEU C 194 16.86 24.04 -0.28
CA LEU C 194 17.38 24.20 1.07
C LEU C 194 18.21 25.49 1.16
N LEU C 195 18.90 25.78 0.06
CA LEU C 195 19.83 26.93 0.02
C LEU C 195 19.11 28.23 -0.23
N LEU C 196 18.14 28.17 -1.13
CA LEU C 196 17.57 29.37 -1.69
C LEU C 196 16.19 29.69 -1.20
N SER C 197 15.52 28.76 -0.51
CA SER C 197 14.15 29.03 -0.06
CA SER C 197 14.14 29.02 -0.06
C SER C 197 14.08 30.21 0.89
N GLU C 198 12.96 30.91 0.80
CA GLU C 198 12.70 32.10 1.59
C GLU C 198 11.95 31.69 2.85
N GLU C 199 11.71 30.39 2.96
CA GLU C 199 11.10 29.78 4.15
C GLU C 199 12.06 29.98 5.33
N THR C 200 11.53 29.81 6.53
CA THR C 200 12.36 29.86 7.72
C THR C 200 13.36 28.73 7.69
N LEU C 201 14.32 28.80 8.59
CA LEU C 201 15.36 27.79 8.69
C LEU C 201 14.71 26.44 8.97
N GLU C 202 13.88 26.42 10.01
CA GLU C 202 13.18 25.20 10.46
C GLU C 202 12.28 24.59 9.38
N GLN C 203 11.59 25.45 8.65
CA GLN C 203 10.73 25.01 7.54
C GLN C 203 11.58 24.43 6.41
N ARG C 204 12.76 25.00 6.23
CA ARG C 204 13.68 24.58 5.15
C ARG C 204 14.22 23.20 5.44
N ILE C 205 14.52 22.98 6.70
CA ILE C 205 15.10 21.70 7.16
C ILE C 205 14.04 20.61 7.08
N HIS C 206 12.83 21.00 7.45
CA HIS C 206 11.66 20.12 7.47
C HIS C 206 11.39 19.63 6.08
N LEU C 207 11.31 20.56 5.14
CA LEU C 207 11.05 20.22 3.74
C LEU C 207 12.17 19.34 3.16
N ALA C 208 13.40 19.53 3.64
CA ALA C 208 14.53 18.78 3.11
C ALA C 208 14.49 17.36 3.62
N LEU C 209 14.04 17.22 4.86
CA LEU C 209 13.96 15.88 5.50
C LEU C 209 12.83 15.05 4.91
N ILE C 210 11.75 15.74 4.52
CA ILE C 210 10.59 15.08 3.88
C ILE C 210 11.05 14.51 2.53
N GLY C 211 11.81 15.32 1.82
CA GLY C 211 12.34 14.94 0.51
C GLY C 211 13.41 13.88 0.61
N LEU C 212 14.19 13.95 1.68
CA LEU C 212 15.26 12.95 1.89
C LEU C 212 14.67 11.58 2.08
N GLU C 213 13.71 11.53 2.99
CA GLU C 213 13.02 10.28 3.29
C GLU C 213 12.52 9.65 1.99
N HIS C 214 11.96 10.49 1.13
CA HIS C 214 11.32 9.98 -0.08
C HIS C 214 12.38 9.43 -1.04
N LEU C 215 13.47 10.17 -1.18
CA LEU C 215 14.52 9.81 -2.14
C LEU C 215 15.36 8.68 -1.61
N LEU C 216 15.55 8.65 -0.30
CA LEU C 216 16.33 7.59 0.33
C LEU C 216 15.68 6.24 0.07
N GLN C 217 14.36 6.23 0.09
CA GLN C 217 13.62 4.97 -0.05
C GLN C 217 13.78 4.46 -1.48
N SER C 218 14.04 5.37 -2.41
CA SER C 218 14.21 4.99 -3.83
C SER C 218 15.61 4.41 -4.11
N LYS C 219 16.46 4.49 -3.10
CA LYS C 219 17.88 4.13 -3.27
C LYS C 219 18.23 2.92 -2.45
N VAL C 220 17.22 2.36 -1.79
CA VAL C 220 17.43 1.28 -0.84
C VAL C 220 18.09 0.04 -1.43
N LEU C 221 17.68 -0.34 -2.61
CA LEU C 221 18.18 -1.57 -3.21
C LEU C 221 19.53 -1.32 -3.85
N SER C 222 19.82 -0.05 -4.12
CA SER C 222 21.17 0.33 -4.60
C SER C 222 22.14 0.16 -3.44
N GLY C 223 21.69 0.62 -2.29
CA GLY C 223 22.49 0.67 -1.10
C GLY C 223 22.77 -0.66 -0.50
N GLY C 224 21.90 -1.62 -0.75
CA GLY C 224 22.03 -2.92 -0.06
C GLY C 224 22.58 -4.03 -0.91
N LYS C 225 22.60 -3.78 -2.19
CA LYS C 225 22.94 -4.76 -3.21
C LYS C 225 24.25 -5.51 -2.92
N TYR C 226 25.27 -4.74 -2.64
CA TYR C 226 26.59 -5.31 -2.34
C TYR C 226 26.51 -6.22 -1.15
N LEU C 227 25.83 -5.77 -0.10
CA LEU C 227 25.74 -6.57 1.14
C LEU C 227 24.95 -7.84 0.89
N PHE C 228 23.83 -7.71 0.21
CA PHE C 228 22.99 -8.90 -0.06
C PHE C 228 23.70 -9.91 -0.93
N GLU C 229 24.51 -9.43 -1.84
CA GLU C 229 25.17 -10.34 -2.80
C GLU C 229 26.23 -11.17 -2.09
N VAL C 230 26.90 -10.53 -1.14
CA VAL C 230 27.89 -11.24 -0.33
C VAL C 230 27.13 -12.25 0.55
N MSE C 231 26.03 -11.81 1.14
CA MSE C 231 25.34 -12.68 2.08
C MSE C 231 24.75 -13.93 1.44
O MSE C 231 24.69 -15.04 2.04
CB MSE C 231 24.25 -11.92 2.82
CG MSE C 231 24.81 -10.92 3.81
SE MSE C 231 23.35 -10.01 4.77
CE MSE C 231 23.01 -11.43 6.00
N ARG C 232 24.37 -13.75 0.20
CA ARG C 232 23.77 -14.83 -0.61
C ARG C 232 24.78 -15.83 -1.14
N GLU C 233 26.05 -15.55 -0.91
CA GLU C 233 27.13 -16.46 -1.30
C GLU C 233 27.08 -17.74 -0.46
N ARG C 234 26.26 -17.73 0.58
CA ARG C 234 26.05 -18.94 1.37
C ARG C 234 24.58 -19.17 1.59
N ASP C 235 24.22 -20.45 1.67
CA ASP C 235 22.81 -20.85 1.70
C ASP C 235 22.32 -20.97 3.11
N ARG C 236 22.96 -20.26 4.01
CA ARG C 236 22.57 -20.34 5.43
C ARG C 236 22.82 -19.04 6.20
N PRO C 237 22.18 -18.85 7.36
CA PRO C 237 22.31 -17.56 8.04
C PRO C 237 23.72 -17.29 8.53
N TRP C 238 23.99 -16.01 8.77
CA TRP C 238 25.29 -15.56 9.23
C TRP C 238 25.22 -15.10 10.66
N THR C 239 26.28 -15.32 11.42
CA THR C 239 26.36 -14.63 12.73
C THR C 239 26.94 -13.23 12.49
N MSE C 240 26.70 -12.31 13.42
CA MSE C 240 27.27 -10.97 13.30
C MSE C 240 28.79 -11.09 13.16
O MSE C 240 29.42 -10.48 12.30
CB MSE C 240 26.91 -10.10 14.51
CG MSE C 240 27.45 -8.69 14.45
SE MSE C 240 27.13 -7.74 12.76
CE MSE C 240 25.31 -7.13 12.72
N HIS C 241 29.40 -11.93 13.99
CA HIS C 241 30.89 -12.01 13.96
C HIS C 241 31.35 -12.45 12.58
N GLU C 242 30.57 -13.33 11.98
CA GLU C 242 30.93 -13.93 10.70
C GLU C 242 30.85 -12.83 9.66
N LEU C 243 29.87 -11.95 9.83
CA LEU C 243 29.72 -10.82 8.90
C LEU C 243 30.92 -9.87 9.08
N MSE C 244 31.23 -9.60 10.33
CA MSE C 244 32.27 -8.63 10.67
C MSE C 244 33.65 -9.11 10.23
O MSE C 244 34.54 -8.31 9.99
CB MSE C 244 32.31 -8.36 12.17
CG MSE C 244 31.10 -7.65 12.68
SE MSE C 244 31.10 -5.80 12.20
CE MSE C 244 32.55 -5.38 13.25
N GLU C 245 33.78 -10.42 10.09
CA GLU C 245 35.06 -11.04 9.76
C GLU C 245 35.17 -11.42 8.29
N GLU C 246 34.13 -11.13 7.52
CA GLU C 246 34.11 -11.50 6.10
C GLU C 246 34.92 -10.51 5.29
N SER C 247 35.94 -10.99 4.59
CA SER C 247 36.88 -10.07 3.90
C SER C 247 36.23 -9.08 2.98
N ARG C 248 35.24 -9.54 2.24
CA ARG C 248 34.57 -8.66 1.29
C ARG C 248 33.79 -7.55 1.97
N LEU C 249 33.61 -7.68 3.28
CA LEU C 249 32.82 -6.65 4.00
C LEU C 249 33.69 -5.82 4.89
N THR C 250 34.99 -6.02 4.79
CA THR C 250 35.95 -5.30 5.63
CA THR C 250 35.90 -5.31 5.68
C THR C 250 35.65 -3.81 5.66
N GLU C 251 35.37 -3.25 4.51
CA GLU C 251 35.19 -1.81 4.43
C GLU C 251 33.89 -1.33 5.04
N LEU C 252 32.97 -2.25 5.29
CA LEU C 252 31.64 -1.91 5.81
C LEU C 252 31.48 -2.18 7.29
N LYS C 253 32.54 -2.66 7.95
CA LYS C 253 32.48 -3.01 9.37
C LYS C 253 31.84 -1.92 10.23
N VAL C 254 32.23 -0.68 9.98
CA VAL C 254 31.75 0.41 10.81
C VAL C 254 30.25 0.61 10.69
N ASP C 255 29.73 0.26 9.53
CA ASP C 255 28.32 0.58 9.19
C ASP C 255 27.40 -0.61 9.24
N LEU C 256 28.00 -1.77 9.32
CA LEU C 256 27.29 -3.05 9.19
C LEU C 256 26.12 -3.17 10.18
N GLY C 257 26.36 -2.80 11.41
CA GLY C 257 25.31 -2.88 12.43
C GLY C 257 24.07 -2.12 12.03
N SER C 258 24.27 -0.90 11.55
CA SER C 258 23.19 0.00 11.16
C SER C 258 22.50 -0.41 9.91
N LEU C 259 23.30 -0.92 8.97
CA LEU C 259 22.76 -1.35 7.69
C LEU C 259 21.85 -2.53 7.93
N VAL C 260 22.35 -3.47 8.72
CA VAL C 260 21.63 -4.71 8.98
C VAL C 260 20.32 -4.35 9.70
N ASP C 261 20.42 -3.44 10.65
CA ASP C 261 19.25 -3.05 11.45
C ASP C 261 18.18 -2.43 10.56
N PHE C 262 18.64 -1.69 9.58
CA PHE C 262 17.77 -0.99 8.65
C PHE C 262 17.05 -1.99 7.76
N PHE C 263 17.77 -2.98 7.30
CA PHE C 263 17.23 -3.94 6.32
C PHE C 263 16.30 -4.90 7.00
N ILE C 264 16.55 -5.13 8.28
CA ILE C 264 15.65 -5.94 9.10
C ILE C 264 14.31 -5.21 9.21
N ARG C 265 14.36 -3.91 9.39
CA ARG C 265 13.15 -3.11 9.54
C ARG C 265 12.39 -3.04 8.23
N LYS C 266 13.08 -3.32 7.13
CA LYS C 266 12.47 -3.27 5.79
C LYS C 266 11.95 -4.63 5.41
N GLY C 267 12.28 -5.61 6.24
CA GLY C 267 11.86 -6.98 6.00
C GLY C 267 12.67 -7.68 4.96
N LEU C 268 13.88 -7.16 4.74
CA LEU C 268 14.79 -7.74 3.72
C LEU C 268 15.81 -8.70 4.33
N ILE C 269 15.99 -8.53 5.63
CA ILE C 269 16.86 -9.45 6.39
C ILE C 269 16.07 -10.02 7.51
N ARG C 270 16.25 -11.33 7.74
CA ARG C 270 15.57 -12.02 8.81
C ARG C 270 16.54 -12.28 9.95
N ILE C 271 16.11 -11.87 11.13
CA ILE C 271 16.85 -12.13 12.37
C ILE C 271 16.29 -13.33 13.11
N SER C 272 17.18 -14.23 13.53
CA SER C 272 16.82 -15.38 14.32
C SER C 272 17.93 -15.72 15.29
N TYR C 273 17.71 -16.79 16.04
CA TYR C 273 18.58 -17.17 17.11
C TYR C 273 18.84 -18.64 17.10
N GLN C 274 20.12 -19.01 17.11
CA GLN C 274 20.52 -20.40 17.10
C GLN C 274 21.24 -20.77 18.38
N ARG C 275 20.68 -21.71 19.14
CA ARG C 275 21.33 -22.11 20.39
C ARG C 275 22.31 -23.19 20.07
N THR C 276 23.51 -23.05 20.63
CA THR C 276 24.59 -23.99 20.41
C THR C 276 24.30 -25.24 21.17
N LYS C 277 24.50 -26.35 20.49
CA LYS C 277 24.24 -27.65 21.09
C LYS C 277 25.11 -27.84 22.30
N GLY C 278 24.43 -28.19 23.39
CA GLY C 278 25.04 -28.44 24.67
C GLY C 278 25.16 -27.22 25.54
N LEU C 279 24.84 -26.08 24.98
CA LEU C 279 25.05 -24.80 25.66
C LEU C 279 23.77 -24.00 25.72
N GLY C 280 23.78 -22.98 26.57
CA GLY C 280 22.65 -22.09 26.80
C GLY C 280 22.64 -20.88 25.90
N VAL C 281 23.82 -20.45 25.50
CA VAL C 281 23.96 -19.26 24.62
C VAL C 281 23.41 -19.47 23.22
N GLU C 282 22.73 -18.45 22.71
CA GLU C 282 22.28 -18.45 21.35
C GLU C 282 23.08 -17.40 20.60
N LEU C 283 23.36 -17.70 19.35
CA LEU C 283 23.99 -16.72 18.48
C LEU C 283 22.92 -16.13 17.63
N VAL C 284 22.94 -14.83 17.52
CA VAL C 284 21.99 -14.15 16.66
C VAL C 284 22.46 -14.41 15.22
N THR C 285 21.49 -14.66 14.35
CA THR C 285 21.79 -14.92 12.93
C THR C 285 20.95 -14.04 12.05
N TYR C 286 21.50 -13.81 10.88
CA TYR C 286 20.94 -12.91 9.87
C TYR C 286 21.00 -13.57 8.50
N GLU C 287 19.91 -13.46 7.79
CA GLU C 287 19.76 -14.08 6.50
C GLU C 287 18.89 -13.22 5.62
N PRO C 288 19.27 -13.04 4.36
CA PRO C 288 18.37 -12.35 3.46
C PRO C 288 17.08 -13.14 3.30
N VAL C 289 15.97 -12.42 3.19
CA VAL C 289 14.61 -13.02 3.13
C VAL C 289 14.27 -13.58 1.74
N VAL C 290 14.73 -12.87 0.73
CA VAL C 290 14.52 -13.29 -0.64
C VAL C 290 15.86 -13.46 -1.36
C1 GOL D . -2.22 13.89 1.25
O1 GOL D . -3.43 13.16 1.42
C2 GOL D . -1.38 13.82 2.53
O2 GOL D . -1.36 12.49 3.07
C3 GOL D . 0.04 14.35 2.25
O3 GOL D . 0.80 13.47 1.47
CL CL E . -63.01 -13.60 9.75
C1 GOL F . -13.57 6.92 6.43
O1 GOL F . -14.56 5.98 6.04
C2 GOL F . -12.46 6.14 7.11
O2 GOL F . -12.11 5.06 6.27
C3 GOL F . -11.27 7.04 7.38
O3 GOL F . -11.34 7.53 8.70
C1 GOL G . -35.70 -16.63 1.01
O1 GOL G . -34.86 -15.49 1.06
C2 GOL G . -36.02 -17.00 -0.43
O2 GOL G . -34.83 -16.97 -1.20
C3 GOL G . -36.66 -18.37 -0.56
O3 GOL G . -35.80 -19.40 -0.14
C1 GOL H . -17.88 -28.37 -3.87
O1 GOL H . -17.69 -29.12 -2.68
C2 GOL H . -16.78 -28.68 -4.90
O2 GOL H . -16.39 -30.04 -4.84
C3 GOL H . -17.18 -28.28 -6.32
O3 GOL H . -18.58 -28.19 -6.47
CL CL I . 54.61 3.95 6.34
CL CL J . 23.39 -34.25 17.80
#